data_8HGI
#
_entry.id   8HGI
#
_cell.length_a   59.449
_cell.length_b   102.797
_cell.length_c   66.620
_cell.angle_alpha   90.00
_cell.angle_beta   116.33
_cell.angle_gamma   90.00
#
_symmetry.space_group_name_H-M   'P 1 21 1'
#
loop_
_entity.id
_entity.type
_entity.pdbx_description
1 polymer GFP
2 polymer 'VNAR aGFP14'
3 water water
#
loop_
_entity_poly.entity_id
_entity_poly.type
_entity_poly.pdbx_seq_one_letter_code
_entity_poly.pdbx_strand_id
1 'polypeptide(L)'
;MGAHASVIKPEMKIKLRMEGAVNGHKFVIEGEGIGKPYEGTQTLDLTVKEGAPLPFSYDILTPAF(CRQ)NRAFTKYPKD
IPDYFKQAFPEGYSWERSMTYEDQGICIATSDITMEGDCFFYKIRFDGTNFPPNGPVMQKKTLKWEPSTEKMYVRDGVLK
GDVNMALLLEGGGHYRCDFKTTYKAKKDVRLPDAHKVDHRIEILSHDKDYNKVRLYEHAEARYSMLPSQAKASGKPIPNP
LLGLDST
;
A,B
2 'polypeptide(L)'
;TQRVEQTPTTTTKEAGESLTINCVLRDSSCALDSTYWYFTKKGATKKESLSNGGRYAETVNKASKSFSLRISDLRVEDSG
TYHCKAYYSWDANCWNLRYSYIEGGGTILTVKPSRGSENLYFQ
;
C,D
#
# COMPACT_ATOMS: atom_id res chain seq x y z
N ALA A 5 28.61 -15.84 27.91
CA ALA A 5 29.26 -15.62 26.57
C ALA A 5 28.45 -14.65 25.69
N SER A 6 27.18 -14.35 26.00
CA SER A 6 26.28 -13.52 25.14
C SER A 6 26.84 -12.12 24.93
N VAL A 7 26.89 -11.67 23.68
CA VAL A 7 27.37 -10.30 23.30
C VAL A 7 26.30 -9.27 23.67
N ILE A 8 25.03 -9.66 23.80
CA ILE A 8 23.95 -8.70 24.19
C ILE A 8 23.94 -8.61 25.72
N LYS A 9 24.33 -7.44 26.22
CA LYS A 9 24.54 -7.19 27.67
C LYS A 9 23.21 -6.76 28.27
N PRO A 10 23.08 -6.82 29.62
CA PRO A 10 21.88 -6.32 30.29
C PRO A 10 21.58 -4.84 30.04
N GLU A 11 22.59 -4.02 29.76
CA GLU A 11 22.39 -2.64 29.30
C GLU A 11 23.13 -2.45 27.96
N MET A 12 22.41 -1.99 26.94
CA MET A 12 23.00 -1.70 25.61
C MET A 12 22.61 -0.27 25.25
N LYS A 13 23.55 0.49 24.66
CA LYS A 13 23.30 1.85 24.14
C LYS A 13 22.84 1.73 22.67
N ILE A 14 22.35 2.84 22.13
CA ILE A 14 21.78 2.94 20.77
C ILE A 14 22.31 4.22 20.14
N LYS A 15 22.78 4.12 18.90
CA LYS A 15 23.02 5.30 18.02
C LYS A 15 22.32 5.02 16.70
N LEU A 16 21.57 5.97 16.18
CA LEU A 16 20.85 5.74 14.91
C LEU A 16 20.83 7.01 14.07
N ARG A 17 20.58 6.82 12.78
CA ARG A 17 20.34 7.90 11.81
C ARG A 17 19.19 7.45 10.90
N MET A 18 18.15 8.28 10.82
CA MET A 18 17.01 8.11 9.89
C MET A 18 17.15 9.16 8.81
N GLU A 19 17.02 8.78 7.55
CA GLU A 19 16.88 9.69 6.39
C GLU A 19 15.59 9.28 5.68
N GLY A 20 14.74 10.25 5.34
CA GLY A 20 13.47 9.92 4.71
C GLY A 20 12.77 11.09 4.07
N ALA A 21 11.54 10.84 3.67
CA ALA A 21 10.67 11.84 3.01
C ALA A 21 9.24 11.40 3.24
N VAL A 22 8.36 12.34 3.56
CA VAL A 22 6.89 12.11 3.71
C VAL A 22 6.22 13.15 2.84
N ASN A 23 5.37 12.73 1.91
CA ASN A 23 4.68 13.61 0.94
C ASN A 23 5.66 14.59 0.29
N GLY A 24 6.89 14.15 0.01
CA GLY A 24 7.93 14.91 -0.71
C GLY A 24 8.87 15.67 0.22
N HIS A 25 8.55 15.78 1.52
CA HIS A 25 9.34 16.58 2.50
C HIS A 25 10.47 15.73 3.09
N LYS A 26 11.72 16.08 2.78
CA LYS A 26 12.95 15.34 3.16
C LYS A 26 13.31 15.69 4.61
N PHE A 27 13.92 14.74 5.30
CA PHE A 27 14.35 14.94 6.71
C PHE A 27 15.45 13.94 7.03
N VAL A 28 16.23 14.31 8.05
CA VAL A 28 17.25 13.46 8.71
C VAL A 28 17.03 13.66 10.21
N ILE A 29 17.07 12.57 10.98
CA ILE A 29 16.90 12.56 12.46
C ILE A 29 17.98 11.63 12.97
N GLU A 30 18.72 12.07 14.00
CA GLU A 30 19.77 11.25 14.63
C GLU A 30 19.28 10.95 16.04
N GLY A 31 19.76 9.85 16.60
CA GLY A 31 19.26 9.33 17.89
C GLY A 31 20.40 8.75 18.69
N GLU A 32 20.29 8.88 20.00
CA GLU A 32 21.12 8.15 20.97
C GLU A 32 20.20 7.70 22.11
N GLY A 33 20.52 6.54 22.70
CA GLY A 33 19.75 6.05 23.84
C GLY A 33 20.36 4.86 24.47
N ILE A 34 19.55 4.22 25.31
CA ILE A 34 19.96 3.10 26.17
C ILE A 34 18.72 2.27 26.49
N GLY A 35 18.92 0.98 26.64
CA GLY A 35 17.81 0.14 27.12
C GLY A 35 18.31 -1.12 27.73
N LYS A 36 17.34 -1.97 28.06
CA LYS A 36 17.55 -3.23 28.79
C LYS A 36 16.96 -4.33 27.93
N PRO A 37 17.79 -4.97 27.07
CA PRO A 37 17.27 -5.93 26.09
C PRO A 37 16.48 -7.12 26.66
N TYR A 38 16.85 -7.60 27.85
CA TYR A 38 16.22 -8.76 28.52
C TYR A 38 14.95 -8.33 29.25
N GLU A 39 14.77 -7.03 29.51
CA GLU A 39 13.53 -6.48 30.12
C GLU A 39 12.62 -5.86 29.03
N GLY A 40 13.11 -5.70 27.81
CA GLY A 40 12.31 -5.21 26.66
C GLY A 40 11.93 -3.74 26.76
N THR A 41 12.79 -2.90 27.37
CA THR A 41 12.57 -1.45 27.55
C THR A 41 13.76 -0.68 26.95
N GLN A 42 13.48 0.53 26.52
CA GLN A 42 14.51 1.38 25.87
C GLN A 42 13.95 2.79 25.81
N THR A 43 14.84 3.75 25.97
CA THR A 43 14.55 5.19 25.81
C THR A 43 15.54 5.75 24.79
N LEU A 44 15.06 6.61 23.91
CA LEU A 44 15.83 7.29 22.85
C LEU A 44 15.63 8.78 22.98
N ASP A 45 16.70 9.55 22.73
CA ASP A 45 16.60 11.01 22.51
C ASP A 45 16.91 11.23 21.02
N LEU A 46 15.97 11.84 20.33
CA LEU A 46 15.95 12.02 18.85
C LEU A 46 16.00 13.51 18.54
N THR A 47 16.80 13.88 17.55
CA THR A 47 16.98 15.28 17.11
C THR A 47 16.82 15.33 15.59
N VAL A 48 15.99 16.23 15.11
CA VAL A 48 15.88 16.57 13.66
C VAL A 48 17.15 17.31 13.22
N LYS A 49 17.91 16.76 12.28
CA LYS A 49 19.19 17.34 11.78
C LYS A 49 18.98 18.11 10.47
N GLU A 50 18.01 17.70 9.66
CA GLU A 50 17.60 18.40 8.40
C GLU A 50 16.09 18.27 8.27
N GLY A 51 15.41 19.31 7.78
CA GLY A 51 13.98 19.26 7.40
C GLY A 51 13.05 19.87 8.43
N ALA A 52 13.59 20.50 9.48
CA ALA A 52 12.82 21.13 10.59
C ALA A 52 12.14 22.40 10.07
N PRO A 53 10.95 22.81 10.57
CA PRO A 53 10.07 21.95 11.35
C PRO A 53 9.35 20.89 10.49
N LEU A 54 9.23 19.65 10.99
CA LEU A 54 8.54 18.56 10.25
C LEU A 54 7.09 18.94 10.09
N PRO A 55 6.56 18.93 8.85
CA PRO A 55 5.15 19.25 8.62
C PRO A 55 4.18 18.07 8.78
N PHE A 56 4.59 16.95 9.39
CA PHE A 56 3.70 15.77 9.54
C PHE A 56 3.80 15.26 10.95
N SER A 57 2.74 14.61 11.42
CA SER A 57 2.67 13.87 12.71
C SER A 57 3.95 13.07 12.93
N TYR A 58 4.66 13.33 14.03
CA TYR A 58 5.87 12.55 14.39
C TYR A 58 5.51 11.09 14.59
N ASP A 59 4.29 10.80 15.04
CA ASP A 59 3.92 9.43 15.47
C ASP A 59 4.09 8.44 14.30
N ILE A 60 3.95 8.85 13.05
CA ILE A 60 4.14 7.88 11.93
C ILE A 60 5.57 7.35 11.92
N LEU A 61 6.55 8.05 12.52
CA LEU A 61 7.98 7.62 12.51
C LEU A 61 8.33 6.69 13.67
N THR A 62 7.59 6.74 14.78
CA THR A 62 8.11 6.22 16.07
C THR A 62 8.36 4.71 15.99
N PRO A 63 7.51 3.85 15.37
CA PRO A 63 7.84 2.42 15.26
C PRO A 63 9.06 2.08 14.39
N ALA A 64 9.48 2.99 13.51
CA ALA A 64 10.75 2.86 12.76
C ALA A 64 11.97 3.09 13.68
N PHE A 65 11.89 3.93 14.69
CA PHE A 65 13.01 4.16 15.67
C PHE A 65 13.07 3.02 16.68
N1 CRQ A 66 11.85 2.40 17.10
CA1 CRQ A 66 11.47 1.51 17.97
CB1 CRQ A 66 11.22 1.86 19.41
CG1 CRQ A 66 12.13 2.97 19.95
C1 CRQ A 66 10.97 0.28 17.43
N2 CRQ A 66 9.69 -0.05 17.77
N3 CRQ A 66 11.44 -0.53 16.40
C2 CRQ A 66 10.46 -1.43 16.06
O2 CRQ A 66 10.57 -2.29 15.18
CA2 CRQ A 66 9.31 -1.06 16.88
CA3 CRQ A 66 12.61 -0.28 15.58
CB2 CRQ A 66 8.11 -1.64 16.69
CG2 CRQ A 66 6.80 -1.35 17.24
CD1 CRQ A 66 6.55 -0.41 18.24
CD2 CRQ A 66 5.70 -2.08 16.75
CE1 CRQ A 66 5.28 -0.20 18.74
CE2 CRQ A 66 4.43 -1.87 17.25
CZ CRQ A 66 4.22 -0.92 18.23
OH CRQ A 66 2.96 -0.74 18.71
OE1 CRQ A 66 10.52 3.79 21.51
C3 CRQ A 66 13.72 -1.29 15.74
O3 CRQ A 66 14.71 -1.29 14.97
CD3 CRQ A 66 11.69 3.50 21.30
NE1 CRQ A 66 12.65 3.71 22.20
N ASN A 67 13.84 -2.09 16.98
CA ASN A 67 14.88 -3.05 17.28
C ASN A 67 14.26 -4.03 18.25
N ARG A 68 13.85 -5.19 17.74
CA ARG A 68 13.26 -6.29 18.54
C ARG A 68 14.31 -6.99 19.40
N ALA A 69 15.59 -6.59 19.35
CA ALA A 69 16.57 -7.03 20.37
C ALA A 69 16.09 -6.57 21.74
N PHE A 70 15.36 -5.46 21.79
CA PHE A 70 14.75 -4.95 23.03
C PHE A 70 13.36 -5.59 23.22
N THR A 71 13.35 -6.88 23.47
CA THR A 71 12.10 -7.62 23.73
C THR A 71 12.35 -8.63 24.84
N LYS A 72 11.49 -8.66 25.85
CA LYS A 72 11.61 -9.68 26.92
C LYS A 72 11.09 -10.98 26.33
N TYR A 73 11.98 -11.93 26.04
CA TYR A 73 11.62 -13.25 25.50
C TYR A 73 11.70 -14.29 26.61
N PRO A 74 10.71 -15.20 26.75
CA PRO A 74 10.86 -16.30 27.69
C PRO A 74 11.91 -17.30 27.17
N LYS A 75 12.45 -18.14 28.06
CA LYS A 75 13.49 -19.14 27.70
C LYS A 75 12.94 -20.17 26.73
N ASP A 76 11.63 -20.41 26.74
CA ASP A 76 11.04 -21.50 25.89
C ASP A 76 10.65 -20.96 24.50
N ILE A 77 10.89 -19.67 24.18
CA ILE A 77 10.72 -19.12 22.81
C ILE A 77 12.10 -18.69 22.29
N PRO A 78 12.68 -19.36 21.27
CA PRO A 78 13.92 -18.87 20.69
C PRO A 78 13.77 -17.39 20.29
N ASP A 79 14.85 -16.66 20.54
CA ASP A 79 14.99 -15.19 20.42
C ASP A 79 15.76 -14.91 19.14
N TYR A 80 15.05 -14.81 18.02
CA TYR A 80 15.61 -14.58 16.68
C TYR A 80 16.61 -13.44 16.73
N PHE A 81 16.27 -12.37 17.46
CA PHE A 81 16.96 -11.07 17.41
C PHE A 81 18.25 -11.09 18.21
N LYS A 82 18.25 -11.61 19.45
CA LYS A 82 19.51 -11.66 20.24
C LYS A 82 20.49 -12.64 19.59
N GLN A 83 20.02 -13.79 19.09
CA GLN A 83 20.89 -14.78 18.39
C GLN A 83 21.59 -14.16 17.18
N ALA A 84 21.02 -13.10 16.61
CA ALA A 84 21.48 -12.47 15.35
C ALA A 84 22.77 -11.69 15.59
N PHE A 85 23.12 -11.39 16.84
CA PHE A 85 24.33 -10.59 17.15
C PHE A 85 25.49 -11.52 17.48
N PRO A 86 26.76 -11.12 17.28
CA PRO A 86 27.12 -9.74 16.89
C PRO A 86 26.88 -9.23 15.44
N GLU A 87 26.72 -10.12 14.45
CA GLU A 87 26.67 -9.73 13.01
C GLU A 87 25.50 -8.77 12.77
N GLY A 88 24.33 -9.11 13.28
CA GLY A 88 23.17 -8.19 13.28
C GLY A 88 22.06 -8.66 12.34
N TYR A 89 21.13 -7.78 12.07
CA TYR A 89 19.95 -8.10 11.25
C TYR A 89 19.41 -6.82 10.63
N SER A 90 18.45 -7.00 9.73
CA SER A 90 17.79 -5.88 9.02
C SER A 90 16.31 -6.21 8.95
N TRP A 91 15.48 -5.16 8.84
CA TRP A 91 14.03 -5.33 8.68
C TRP A 91 13.57 -4.39 7.57
N GLU A 92 12.49 -4.79 6.91
CA GLU A 92 11.76 -4.02 5.89
C GLU A 92 10.30 -4.05 6.28
N ARG A 93 9.61 -2.92 6.19
CA ARG A 93 8.25 -2.78 6.74
C ARG A 93 7.39 -1.97 5.79
N SER A 94 6.18 -2.45 5.55
CA SER A 94 5.12 -1.71 4.84
C SER A 94 4.03 -1.32 5.85
N MET A 95 3.49 -0.12 5.69
CA MET A 95 2.50 0.46 6.62
C MET A 95 1.39 1.10 5.79
N THR A 96 0.21 0.50 5.79
CA THR A 96 -0.96 0.92 4.97
C THR A 96 -2.03 1.48 5.90
N TYR A 97 -2.30 2.77 5.81
CA TYR A 97 -3.27 3.49 6.67
C TYR A 97 -4.64 3.39 6.01
N GLU A 98 -5.67 3.62 6.83
CA GLU A 98 -7.09 3.44 6.43
C GLU A 98 -7.48 4.50 5.39
N ASP A 99 -6.75 5.62 5.24
CA ASP A 99 -7.09 6.67 4.22
C ASP A 99 -6.14 6.59 3.00
N GLN A 100 -5.45 5.46 2.80
CA GLN A 100 -4.59 5.14 1.62
C GLN A 100 -3.25 5.87 1.73
N GLY A 101 -2.98 6.59 2.83
CA GLY A 101 -1.56 6.89 3.16
C GLY A 101 -0.74 5.59 3.23
N ILE A 102 0.50 5.62 2.76
CA ILE A 102 1.39 4.44 2.70
C ILE A 102 2.82 4.84 3.09
N CYS A 103 3.47 4.02 3.89
CA CYS A 103 4.89 4.15 4.24
C CYS A 103 5.63 2.84 3.99
N ILE A 104 6.88 2.97 3.62
CA ILE A 104 7.87 1.87 3.61
C ILE A 104 9.06 2.30 4.46
N ALA A 105 9.57 1.39 5.28
CA ALA A 105 10.75 1.64 6.11
C ALA A 105 11.66 0.43 6.08
N THR A 106 12.95 0.70 6.18
CA THR A 106 14.02 -0.30 6.35
C THR A 106 14.95 0.17 7.46
N SER A 107 15.57 -0.80 8.12
CA SER A 107 16.64 -0.54 9.11
C SER A 107 17.70 -1.64 9.00
N ASP A 108 18.95 -1.23 8.96
CA ASP A 108 20.10 -2.16 9.04
C ASP A 108 20.66 -1.98 10.45
N ILE A 109 20.67 -3.04 11.24
CA ILE A 109 21.09 -3.00 12.67
C ILE A 109 22.40 -3.75 12.83
N THR A 110 23.42 -3.04 13.32
CA THR A 110 24.74 -3.62 13.65
C THR A 110 25.09 -3.35 15.12
N MET A 111 26.23 -3.86 15.56
CA MET A 111 26.70 -3.68 16.96
C MET A 111 28.22 -3.49 16.99
N GLU A 112 28.71 -2.59 17.86
CA GLU A 112 30.16 -2.46 18.21
C GLU A 112 30.22 -2.32 19.74
N GLY A 113 30.90 -3.24 20.44
CA GLY A 113 30.98 -3.22 21.91
C GLY A 113 29.59 -3.30 22.53
N ASP A 114 29.20 -2.29 23.33
CA ASP A 114 27.95 -2.25 24.13
C ASP A 114 26.87 -1.41 23.42
N CYS A 115 27.03 -1.15 22.13
CA CYS A 115 26.18 -0.18 21.40
C CYS A 115 25.60 -0.80 20.12
N PHE A 116 24.29 -0.58 19.89
CA PHE A 116 23.60 -0.91 18.61
C PHE A 116 23.65 0.31 17.68
N PHE A 117 23.88 0.08 16.39
CA PHE A 117 23.89 1.13 15.34
C PHE A 117 22.78 0.81 14.32
N TYR A 118 21.85 1.75 14.12
CA TYR A 118 20.79 1.64 13.08
C TYR A 118 21.04 2.64 11.94
N LYS A 119 20.93 2.17 10.71
CA LYS A 119 20.71 3.06 9.54
C LYS A 119 19.27 2.84 9.06
N ILE A 120 18.42 3.85 9.19
CA ILE A 120 16.97 3.76 8.89
C ILE A 120 16.67 4.58 7.64
N ARG A 121 15.87 4.03 6.73
CA ARG A 121 15.29 4.77 5.60
C ARG A 121 13.77 4.73 5.78
N PHE A 122 13.13 5.86 5.60
CA PHE A 122 11.67 6.02 5.78
C PHE A 122 11.12 6.82 4.61
N ASP A 123 10.06 6.32 3.98
CA ASP A 123 9.39 7.01 2.85
C ASP A 123 7.88 6.86 3.05
N GLY A 124 7.14 7.97 2.98
CA GLY A 124 5.68 7.96 3.10
C GLY A 124 5.09 8.81 1.99
N THR A 125 3.92 8.46 1.49
CA THR A 125 3.25 9.24 0.41
C THR A 125 1.75 9.05 0.47
N ASN A 126 1.04 9.92 -0.27
CA ASN A 126 -0.42 9.82 -0.49
C ASN A 126 -1.16 10.06 0.83
N PHE A 127 -0.56 10.80 1.77
CA PHE A 127 -1.31 11.29 2.96
C PHE A 127 -2.13 12.49 2.54
N PRO A 128 -3.47 12.44 2.69
CA PRO A 128 -4.34 13.55 2.32
C PRO A 128 -3.93 14.84 3.04
N PRO A 129 -3.98 16.01 2.35
CA PRO A 129 -3.51 17.26 2.95
C PRO A 129 -4.33 17.66 4.19
N ASN A 130 -5.58 17.25 4.28
CA ASN A 130 -6.46 17.60 5.43
C ASN A 130 -6.73 16.36 6.31
N GLY A 131 -5.93 15.30 6.18
CA GLY A 131 -6.00 14.16 7.13
C GLY A 131 -5.18 14.38 8.40
N PRO A 132 -5.28 13.44 9.36
CA PRO A 132 -4.62 13.57 10.66
C PRO A 132 -3.09 13.61 10.60
N VAL A 133 -2.47 13.00 9.59
CA VAL A 133 -0.99 13.00 9.52
C VAL A 133 -0.48 14.41 9.16
N MET A 134 -0.92 15.01 8.06
CA MET A 134 -0.39 16.33 7.59
C MET A 134 -0.94 17.50 8.43
N GLN A 135 -2.10 17.34 9.08
CA GLN A 135 -2.67 18.35 10.02
C GLN A 135 -2.18 18.10 11.46
N LYS A 136 -1.36 17.07 11.70
CA LYS A 136 -0.79 16.74 13.03
C LYS A 136 -1.89 16.60 14.10
N LYS A 137 -2.92 15.79 13.85
CA LYS A 137 -4.03 15.52 14.80
C LYS A 137 -3.84 14.19 15.60
N THR A 138 -2.70 13.51 15.48
CA THR A 138 -2.50 12.22 16.20
C THR A 138 -2.08 12.52 17.65
N LEU A 139 -2.47 11.67 18.61
CA LEU A 139 -2.02 11.78 20.03
C LEU A 139 -1.02 10.67 20.39
N LYS A 140 -1.31 9.40 20.08
CA LYS A 140 -0.38 8.30 20.49
C LYS A 140 -0.78 7.04 19.74
N TRP A 141 0.14 6.09 19.68
CA TRP A 141 -0.20 4.71 19.25
C TRP A 141 -0.88 3.98 20.41
N GLU A 142 -1.99 3.31 20.13
CA GLU A 142 -2.60 2.35 21.07
C GLU A 142 -1.68 1.15 21.27
N PRO A 143 -1.72 0.50 22.45
CA PRO A 143 -0.96 -0.72 22.68
C PRO A 143 -1.31 -1.75 21.60
N SER A 144 -0.35 -2.56 21.18
CA SER A 144 -0.55 -3.50 20.03
C SER A 144 -0.02 -4.89 20.37
N THR A 145 -0.44 -5.87 19.57
CA THR A 145 0.09 -7.24 19.61
C THR A 145 0.51 -7.66 18.19
N GLU A 146 1.79 -7.91 18.00
CA GLU A 146 2.41 -8.34 16.73
C GLU A 146 2.44 -9.87 16.65
N LYS A 147 1.95 -10.46 15.57
CA LYS A 147 2.03 -11.92 15.33
C LYS A 147 3.33 -12.18 14.61
N MET A 148 4.17 -13.01 15.21
CA MET A 148 5.52 -13.38 14.71
C MET A 148 5.44 -14.79 14.13
N TYR A 149 5.93 -14.99 12.92
CA TYR A 149 5.85 -16.33 12.28
C TYR A 149 6.93 -16.44 11.22
N VAL A 150 7.36 -17.67 10.94
CA VAL A 150 8.46 -17.94 9.99
C VAL A 150 7.85 -18.14 8.60
N ARG A 151 8.48 -17.53 7.62
CA ARG A 151 8.18 -17.76 6.19
C ARG A 151 9.46 -17.52 5.42
N ASP A 152 9.72 -18.35 4.40
CA ASP A 152 10.87 -18.18 3.49
C ASP A 152 12.16 -18.10 4.34
N GLY A 153 12.23 -18.84 5.45
CA GLY A 153 13.46 -18.93 6.26
C GLY A 153 13.74 -17.69 7.10
N VAL A 154 12.85 -16.70 7.10
CA VAL A 154 13.04 -15.45 7.91
C VAL A 154 11.83 -15.25 8.82
N LEU A 155 11.88 -14.24 9.68
CA LEU A 155 10.76 -13.96 10.60
C LEU A 155 9.91 -12.83 10.04
N LYS A 156 8.60 -13.08 9.98
CA LYS A 156 7.57 -12.10 9.58
C LYS A 156 6.88 -11.59 10.85
N GLY A 157 6.45 -10.35 10.83
CA GLY A 157 5.60 -9.76 11.88
C GLY A 157 4.43 -9.06 11.25
N ASP A 158 3.24 -9.32 11.72
CA ASP A 158 2.06 -8.57 11.26
C ASP A 158 1.40 -7.98 12.49
N VAL A 159 0.99 -6.71 12.40
CA VAL A 159 0.33 -6.02 13.54
C VAL A 159 -0.70 -5.00 13.03
N ASN A 160 -1.91 -5.12 13.58
CA ASN A 160 -2.98 -4.10 13.50
C ASN A 160 -2.64 -2.95 14.45
N MET A 161 -2.47 -1.75 13.90
CA MET A 161 -2.03 -0.58 14.68
C MET A 161 -3.10 0.48 14.56
N ALA A 162 -3.20 1.35 15.55
CA ALA A 162 -4.13 2.50 15.47
C ALA A 162 -3.59 3.65 16.31
N LEU A 163 -3.63 4.84 15.71
CA LEU A 163 -3.35 6.12 16.39
C LEU A 163 -4.67 6.67 16.93
N LEU A 164 -4.65 7.04 18.20
CA LEU A 164 -5.75 7.82 18.83
C LEU A 164 -5.64 9.23 18.26
N LEU A 165 -6.76 9.84 17.92
CA LEU A 165 -6.79 11.20 17.33
C LEU A 165 -7.37 12.19 18.35
N GLU A 166 -6.96 13.45 18.29
CA GLU A 166 -7.69 14.57 18.94
C GLU A 166 -9.19 14.39 18.63
N GLY A 167 -10.04 14.24 19.65
CA GLY A 167 -11.50 14.05 19.48
C GLY A 167 -11.96 12.63 19.84
N GLY A 168 -11.00 11.73 20.11
CA GLY A 168 -11.28 10.37 20.60
C GLY A 168 -11.43 9.33 19.50
N GLY A 169 -11.34 9.73 18.24
CA GLY A 169 -11.40 8.77 17.12
C GLY A 169 -10.08 8.04 16.94
N HIS A 170 -10.03 7.03 16.06
CA HIS A 170 -8.77 6.30 15.75
C HIS A 170 -8.44 6.35 14.25
N TYR A 171 -7.17 6.17 13.95
CA TYR A 171 -6.60 6.17 12.58
C TYR A 171 -5.80 4.88 12.45
N ARG A 172 -6.30 3.92 11.67
CA ARG A 172 -5.80 2.52 11.66
C ARG A 172 -4.72 2.35 10.59
N CYS A 173 -3.85 1.37 10.82
CA CYS A 173 -2.71 1.06 9.95
C CYS A 173 -2.47 -0.46 9.99
N ASP A 174 -2.14 -1.03 8.86
CA ASP A 174 -1.73 -2.45 8.74
C ASP A 174 -0.22 -2.45 8.56
N PHE A 175 0.53 -2.97 9.52
CA PHE A 175 2.02 -3.10 9.51
C PHE A 175 2.37 -4.54 9.10
N LYS A 176 3.26 -4.71 8.13
CA LYS A 176 3.85 -6.04 7.76
C LYS A 176 5.36 -5.86 7.76
N THR A 177 6.07 -6.70 8.51
CA THR A 177 7.54 -6.58 8.63
C THR A 177 8.15 -7.92 8.27
N THR A 178 9.28 -7.85 7.59
CA THR A 178 10.23 -8.97 7.44
C THR A 178 11.52 -8.65 8.18
N TYR A 179 11.90 -9.56 9.07
CA TYR A 179 13.14 -9.51 9.87
C TYR A 179 14.10 -10.56 9.32
N LYS A 180 15.33 -10.18 9.00
CA LYS A 180 16.34 -11.02 8.32
C LYS A 180 17.66 -10.94 9.08
N ALA A 181 18.03 -11.98 9.80
CA ALA A 181 19.35 -12.12 10.46
C ALA A 181 20.43 -12.36 9.40
N LYS A 182 21.65 -11.90 9.65
CA LYS A 182 22.80 -12.00 8.71
C LYS A 182 23.44 -13.37 8.80
N LYS A 183 23.02 -14.22 9.73
CA LYS A 183 23.58 -15.57 9.96
C LYS A 183 22.45 -16.57 10.25
N ASP A 184 22.74 -17.86 10.17
CA ASP A 184 21.83 -18.96 10.61
C ASP A 184 21.55 -18.83 12.09
N VAL A 185 20.28 -18.88 12.48
CA VAL A 185 19.88 -18.85 13.91
C VAL A 185 18.85 -19.95 14.07
N ARG A 186 18.52 -20.32 15.31
CA ARG A 186 17.39 -21.23 15.63
C ARG A 186 16.10 -20.43 15.49
N LEU A 187 15.20 -20.90 14.63
CA LEU A 187 13.95 -20.16 14.30
C LEU A 187 12.90 -20.51 15.34
N PRO A 188 12.08 -19.52 15.77
CA PRO A 188 11.05 -19.76 16.77
C PRO A 188 9.81 -20.35 16.09
N ASP A 189 8.94 -20.94 16.88
CA ASP A 189 7.55 -21.21 16.44
C ASP A 189 6.80 -19.87 16.52
N ALA A 190 5.57 -19.88 16.02
CA ALA A 190 4.67 -18.73 16.00
C ALA A 190 4.43 -18.22 17.42
N HIS A 191 4.40 -16.91 17.59
CA HIS A 191 4.25 -16.32 18.93
C HIS A 191 3.82 -14.89 18.76
N LYS A 192 3.63 -14.20 19.87
CA LYS A 192 3.13 -12.80 19.80
C LYS A 192 4.11 -11.91 20.55
N VAL A 193 4.16 -10.63 20.16
CA VAL A 193 4.89 -9.59 20.92
C VAL A 193 3.89 -8.48 21.24
N ASP A 194 3.71 -8.17 22.52
CA ASP A 194 2.85 -7.05 22.99
C ASP A 194 3.75 -5.81 23.04
N HIS A 195 3.29 -4.68 22.54
CA HIS A 195 4.06 -3.41 22.46
C HIS A 195 3.30 -2.28 23.13
N ARG A 196 4.03 -1.37 23.77
CA ARG A 196 3.55 -0.02 24.10
C ARG A 196 4.69 0.94 23.74
N ILE A 197 4.36 2.00 23.02
CA ILE A 197 5.35 3.04 22.61
C ILE A 197 4.77 4.40 23.02
N GLU A 198 5.60 5.30 23.54
CA GLU A 198 5.08 6.62 23.94
C GLU A 198 6.15 7.69 23.83
N ILE A 199 5.74 8.85 23.34
CA ILE A 199 6.62 10.03 23.37
C ILE A 199 6.54 10.55 24.82
N LEU A 200 7.64 10.39 25.58
CA LEU A 200 7.72 10.82 27.01
C LEU A 200 7.77 12.36 27.07
N SER A 201 8.49 13.00 26.14
CA SER A 201 8.61 14.47 26.07
C SER A 201 8.99 14.88 24.65
N HIS A 202 8.66 16.10 24.28
CA HIS A 202 9.05 16.73 23.01
C HIS A 202 9.17 18.23 23.23
N ASP A 203 9.95 18.93 22.40
CA ASP A 203 9.84 20.40 22.27
C ASP A 203 8.66 20.72 21.34
N LYS A 204 8.43 22.00 21.02
CA LYS A 204 7.19 22.46 20.35
C LYS A 204 7.02 21.81 18.95
N ASP A 205 8.08 21.81 18.13
CA ASP A 205 8.06 21.37 16.70
C ASP A 205 8.56 19.92 16.55
N TYR A 206 8.75 19.20 17.67
CA TYR A 206 9.22 17.81 17.75
C TYR A 206 10.64 17.72 17.17
N ASN A 207 11.41 18.82 17.21
CA ASN A 207 12.84 18.79 16.82
C ASN A 207 13.62 17.95 17.84
N LYS A 208 13.13 17.88 19.08
CA LYS A 208 13.72 17.06 20.17
C LYS A 208 12.62 16.16 20.74
N VAL A 209 12.86 14.86 20.77
CA VAL A 209 11.82 13.89 21.18
C VAL A 209 12.47 12.87 22.09
N ARG A 210 11.81 12.55 23.20
CA ARG A 210 12.18 11.41 24.05
C ARG A 210 11.13 10.32 23.88
N LEU A 211 11.56 9.11 23.56
CA LEU A 211 10.70 8.01 23.07
C LEU A 211 11.01 6.77 23.88
N TYR A 212 9.97 6.08 24.35
CA TYR A 212 10.09 4.85 25.19
C TYR A 212 9.28 3.72 24.58
N GLU A 213 9.83 2.52 24.60
CA GLU A 213 9.12 1.32 24.14
C GLU A 213 9.23 0.26 25.22
N HIS A 214 8.15 -0.50 25.41
CA HIS A 214 8.11 -1.74 26.22
C HIS A 214 7.55 -2.87 25.33
N ALA A 215 8.31 -3.94 25.17
CA ALA A 215 7.90 -5.09 24.32
C ALA A 215 8.16 -6.38 25.09
N GLU A 216 7.18 -7.26 25.10
CA GLU A 216 7.36 -8.62 25.71
C GLU A 216 6.77 -9.68 24.79
N ALA A 217 7.48 -10.78 24.60
CA ALA A 217 7.02 -11.96 23.80
C ALA A 217 6.25 -12.95 24.67
N ARG A 218 5.33 -13.70 24.06
CA ARG A 218 4.52 -14.72 24.76
C ARG A 218 3.95 -15.67 23.72
N TYR A 219 3.54 -16.86 24.17
CA TYR A 219 2.81 -17.82 23.32
C TYR A 219 1.35 -17.40 23.34
N SER A 220 0.60 -17.72 22.30
CA SER A 220 -0.88 -17.65 22.25
C SER A 220 -1.48 -19.04 22.53
N MET A 221 -0.69 -20.09 22.34
CA MET A 221 -1.07 -21.50 22.63
C MET A 221 0.11 -22.20 23.31
N LEU A 222 -0.16 -23.14 24.22
CA LEU A 222 0.89 -23.91 24.93
C LEU A 222 1.65 -24.73 23.89
N PRO A 223 2.97 -24.99 24.08
CA PRO A 223 3.75 -25.81 23.16
C PRO A 223 3.17 -27.22 22.97
N SER A 224 3.53 -27.88 21.86
CA SER A 224 2.95 -29.17 21.38
C SER A 224 3.26 -30.32 22.34
N GLN A 225 2.25 -31.18 22.60
CA GLN A 225 2.34 -32.41 23.44
C GLN A 225 1.83 -33.61 22.64
N ALA B 5 9.99 31.73 -27.98
CA ALA B 5 9.95 32.38 -26.65
C ALA B 5 9.67 31.32 -25.57
N SER B 6 8.76 30.36 -25.80
CA SER B 6 8.43 29.30 -24.80
C SER B 6 9.73 28.63 -24.31
N VAL B 7 9.90 28.59 -23.00
CA VAL B 7 11.11 28.02 -22.33
C VAL B 7 11.20 26.51 -22.62
N ILE B 8 10.08 25.87 -22.97
CA ILE B 8 10.09 24.45 -23.38
C ILE B 8 10.27 24.38 -24.90
N LYS B 9 11.45 23.94 -25.33
CA LYS B 9 11.87 23.92 -26.76
C LYS B 9 11.26 22.69 -27.44
N PRO B 10 11.09 22.71 -28.78
CA PRO B 10 10.55 21.55 -29.50
C PRO B 10 11.36 20.28 -29.25
N GLU B 11 12.65 20.43 -28.94
CA GLU B 11 13.54 19.30 -28.52
C GLU B 11 14.19 19.68 -27.21
N MET B 12 14.20 18.74 -26.24
CA MET B 12 14.80 18.97 -24.90
C MET B 12 15.64 17.77 -24.52
N LYS B 13 16.76 18.00 -23.84
CA LYS B 13 17.63 16.97 -23.22
C LYS B 13 17.02 16.57 -21.87
N ILE B 14 17.41 15.40 -21.37
CA ILE B 14 17.01 14.89 -20.02
C ILE B 14 18.29 14.36 -19.37
N LYS B 15 18.54 14.74 -18.12
CA LYS B 15 19.52 14.08 -17.23
C LYS B 15 18.79 13.69 -15.96
N LEU B 16 19.06 12.49 -15.46
CA LEU B 16 18.34 12.04 -14.25
C LEU B 16 19.26 11.17 -13.42
N ARG B 17 18.93 11.12 -12.14
CA ARG B 17 19.55 10.21 -11.16
C ARG B 17 18.42 9.64 -10.30
N MET B 18 18.38 8.33 -10.22
CA MET B 18 17.43 7.58 -9.36
C MET B 18 18.25 6.90 -8.28
N GLU B 19 17.85 7.08 -7.03
CA GLU B 19 18.40 6.30 -5.91
C GLU B 19 17.24 5.55 -5.29
N GLY B 20 17.45 4.30 -4.91
CA GLY B 20 16.32 3.55 -4.34
C GLY B 20 16.73 2.29 -3.66
N ALA B 21 15.72 1.55 -3.21
CA ALA B 21 15.84 0.19 -2.62
C ALA B 21 14.59 -0.61 -2.96
N VAL B 22 14.77 -1.84 -3.43
CA VAL B 22 13.63 -2.80 -3.57
C VAL B 22 13.92 -4.05 -2.75
N ASN B 23 12.99 -4.41 -1.84
CA ASN B 23 13.12 -5.60 -0.95
C ASN B 23 14.51 -5.57 -0.29
N GLY B 24 14.96 -4.37 0.11
CA GLY B 24 16.25 -4.20 0.82
C GLY B 24 17.41 -3.92 -0.10
N HIS B 25 17.35 -4.32 -1.38
CA HIS B 25 18.47 -4.14 -2.33
C HIS B 25 18.57 -2.68 -2.80
N LYS B 26 19.64 -1.99 -2.42
CA LYS B 26 19.89 -0.54 -2.76
C LYS B 26 20.48 -0.42 -4.17
N PHE B 27 20.20 0.67 -4.87
CA PHE B 27 20.76 0.90 -6.22
C PHE B 27 20.73 2.38 -6.56
N VAL B 28 21.52 2.72 -7.59
CA VAL B 28 21.59 4.07 -8.22
C VAL B 28 21.55 3.85 -9.74
N ILE B 29 20.67 4.58 -10.43
CA ILE B 29 20.64 4.55 -11.91
C ILE B 29 20.75 5.98 -12.38
N GLU B 30 21.47 6.19 -13.48
CA GLU B 30 21.57 7.53 -14.09
C GLU B 30 21.17 7.46 -15.54
N GLY B 31 20.60 8.55 -16.05
CA GLY B 31 20.00 8.58 -17.39
C GLY B 31 20.37 9.84 -18.14
N GLU B 32 20.54 9.68 -19.45
CA GLU B 32 20.64 10.77 -20.44
C GLU B 32 19.65 10.44 -21.57
N GLY B 33 18.96 11.43 -22.10
CA GLY B 33 18.11 11.23 -23.28
C GLY B 33 17.66 12.52 -23.90
N ILE B 34 16.72 12.38 -24.83
CA ILE B 34 16.16 13.49 -25.63
C ILE B 34 14.72 13.14 -25.91
N GLY B 35 13.90 14.18 -26.04
CA GLY B 35 12.45 14.06 -26.30
C GLY B 35 11.92 15.26 -27.03
N LYS B 36 10.68 15.12 -27.47
CA LYS B 36 9.95 16.17 -28.19
C LYS B 36 8.71 16.46 -27.35
N PRO B 37 8.77 17.45 -26.44
CA PRO B 37 7.68 17.65 -25.48
C PRO B 37 6.33 17.86 -26.15
N TYR B 38 6.30 18.56 -27.30
CA TYR B 38 5.02 18.89 -27.98
C TYR B 38 4.55 17.66 -28.78
N GLU B 39 5.43 16.70 -29.10
CA GLU B 39 5.03 15.42 -29.79
C GLU B 39 4.71 14.30 -28.77
N GLY B 40 5.10 14.47 -27.51
CA GLY B 40 4.79 13.52 -26.42
C GLY B 40 5.70 12.30 -26.48
N THR B 41 6.93 12.46 -26.93
CA THR B 41 7.85 11.34 -27.19
C THR B 41 9.19 11.65 -26.54
N GLN B 42 9.86 10.60 -26.08
CA GLN B 42 11.20 10.73 -25.44
C GLN B 42 11.90 9.37 -25.46
N THR B 43 13.23 9.42 -25.52
CA THR B 43 14.08 8.21 -25.42
C THR B 43 15.16 8.48 -24.39
N LEU B 44 15.39 7.52 -23.50
CA LEU B 44 16.38 7.63 -22.41
C LEU B 44 17.34 6.45 -22.51
N ASP B 45 18.64 6.69 -22.33
CA ASP B 45 19.65 5.63 -22.10
C ASP B 45 19.91 5.64 -20.59
N LEU B 46 19.65 4.54 -19.91
CA LEU B 46 19.75 4.42 -18.44
C LEU B 46 20.92 3.47 -18.15
N THR B 47 21.72 3.79 -17.14
CA THR B 47 22.92 3.03 -16.73
C THR B 47 22.91 2.83 -15.21
N VAL B 48 23.06 1.58 -14.76
CA VAL B 48 23.07 1.22 -13.32
C VAL B 48 24.45 1.61 -12.81
N LYS B 49 24.51 2.48 -11.80
CA LYS B 49 25.79 2.98 -11.26
C LYS B 49 26.16 2.17 -10.03
N GLU B 50 25.17 1.82 -9.20
CA GLU B 50 25.36 1.05 -7.95
C GLU B 50 24.27 -0.02 -7.87
N GLY B 51 24.62 -1.22 -7.43
CA GLY B 51 23.66 -2.28 -7.06
C GLY B 51 23.53 -3.33 -8.13
N ALA B 52 24.33 -3.26 -9.20
CA ALA B 52 24.34 -4.26 -10.29
C ALA B 52 24.78 -5.62 -9.74
N PRO B 53 24.24 -6.76 -10.26
CA PRO B 53 23.11 -6.77 -11.18
C PRO B 53 21.80 -6.61 -10.40
N LEU B 54 20.83 -5.80 -10.87
CA LEU B 54 19.57 -5.57 -10.13
C LEU B 54 18.90 -6.91 -9.95
N PRO B 55 18.51 -7.34 -8.73
CA PRO B 55 17.89 -8.65 -8.55
C PRO B 55 16.36 -8.65 -8.75
N PHE B 56 15.83 -7.65 -9.44
CA PHE B 56 14.35 -7.50 -9.60
C PHE B 56 14.03 -7.03 -11.01
N SER B 57 12.79 -7.23 -11.42
CA SER B 57 12.30 -6.82 -12.76
C SER B 57 12.55 -5.34 -12.96
N TYR B 58 13.27 -4.98 -14.01
CA TYR B 58 13.55 -3.57 -14.36
C TYR B 58 12.24 -2.82 -14.60
N ASP B 59 11.21 -3.50 -15.10
CA ASP B 59 9.93 -2.86 -15.54
C ASP B 59 9.28 -2.13 -14.36
N ILE B 60 9.51 -2.51 -13.10
CA ILE B 60 8.81 -1.81 -11.97
C ILE B 60 9.34 -0.37 -11.89
N LEU B 61 10.50 -0.10 -12.46
CA LEU B 61 11.14 1.24 -12.38
C LEU B 61 10.68 2.17 -13.51
N THR B 62 10.30 1.63 -14.66
CA THR B 62 10.36 2.41 -15.91
C THR B 62 9.40 3.59 -15.85
N PRO B 63 8.18 3.50 -15.28
CA PRO B 63 7.31 4.67 -15.18
C PRO B 63 7.84 5.77 -14.25
N ALA B 64 8.79 5.49 -13.35
CA ALA B 64 9.44 6.53 -12.53
C ALA B 64 10.44 7.32 -13.40
N PHE B 65 11.02 6.71 -14.43
CA PHE B 65 11.97 7.41 -15.35
C PHE B 65 11.17 8.22 -16.36
N1 CRQ B 66 9.91 7.69 -16.81
CA1 CRQ B 66 9.04 8.07 -17.69
CB1 CRQ B 66 9.28 7.92 -19.17
CG1 CRQ B 66 10.70 7.60 -19.62
C1 CRQ B 66 7.74 8.46 -17.16
N2 CRQ B 66 6.60 7.83 -17.58
N3 CRQ B 66 7.46 9.28 -16.11
C2 CRQ B 66 6.13 9.20 -15.80
O2 CRQ B 66 5.59 9.77 -14.87
CA2 CRQ B 66 5.61 8.18 -16.71
CA3 CRQ B 66 8.42 9.98 -15.27
CB2 CRQ B 66 4.37 7.67 -16.56
CG2 CRQ B 66 3.74 6.49 -17.16
CD1 CRQ B 66 2.47 6.12 -16.71
CD2 CRQ B 66 4.31 5.75 -18.19
CE1 CRQ B 66 1.81 5.04 -17.23
CE2 CRQ B 66 3.65 4.66 -18.74
CZ CRQ B 66 2.39 4.30 -18.25
OH CRQ B 66 1.68 3.25 -18.76
OE1 CRQ B 66 10.14 5.99 -21.33
C3 CRQ B 66 8.33 11.50 -15.36
O3 CRQ B 66 9.03 12.21 -14.62
CD3 CRQ B 66 10.76 7.01 -21.02
NE1 CRQ B 66 11.51 7.67 -21.90
N ASN B 67 7.88 12.11 -16.75
CA ASN B 67 7.87 13.59 -16.82
C ASN B 67 6.76 13.94 -17.79
N ARG B 68 5.64 14.38 -17.25
CA ARG B 68 4.42 14.70 -18.05
C ARG B 68 4.66 15.94 -18.91
N ALA B 69 5.81 16.61 -18.82
CA ALA B 69 6.18 17.66 -19.81
C ALA B 69 6.29 17.05 -21.21
N PHE B 70 6.60 15.75 -21.28
CA PHE B 70 6.61 14.99 -22.55
C PHE B 70 5.24 14.40 -22.82
N THR B 71 4.24 15.25 -23.06
CA THR B 71 2.86 14.84 -23.40
C THR B 71 2.38 15.75 -24.53
N LYS B 72 1.70 15.19 -25.52
CA LYS B 72 1.05 15.97 -26.59
C LYS B 72 -0.27 16.48 -26.01
N TYR B 73 -0.33 17.78 -25.67
CA TYR B 73 -1.57 18.43 -25.16
C TYR B 73 -2.26 19.16 -26.32
N PRO B 74 -3.56 18.89 -26.58
CA PRO B 74 -4.33 19.72 -27.51
C PRO B 74 -4.52 21.12 -26.93
N LYS B 75 -4.59 22.14 -27.80
CA LYS B 75 -4.71 23.56 -27.40
C LYS B 75 -5.93 23.71 -26.49
N ASP B 76 -6.94 22.89 -26.75
CA ASP B 76 -8.21 22.76 -25.98
C ASP B 76 -7.93 22.60 -24.47
N ILE B 77 -6.98 21.74 -24.09
CA ILE B 77 -6.73 21.34 -22.67
C ILE B 77 -5.51 22.10 -22.12
N PRO B 78 -5.63 22.81 -20.97
CA PRO B 78 -4.49 23.49 -20.38
C PRO B 78 -3.40 22.49 -19.95
N ASP B 79 -2.13 22.84 -20.18
CA ASP B 79 -0.96 21.94 -19.98
C ASP B 79 -0.26 22.35 -18.69
N TYR B 80 -0.71 21.77 -17.58
CA TYR B 80 -0.16 22.03 -16.22
C TYR B 80 1.36 21.93 -16.25
N PHE B 81 1.92 20.95 -16.98
CA PHE B 81 3.35 20.55 -16.83
C PHE B 81 4.28 21.55 -17.56
N LYS B 82 3.94 21.95 -18.77
CA LYS B 82 4.77 22.92 -19.54
C LYS B 82 4.68 24.30 -18.87
N GLN B 83 3.51 24.66 -18.37
CA GLN B 83 3.28 25.92 -17.61
C GLN B 83 4.15 25.98 -16.35
N ALA B 84 4.55 24.84 -15.79
CA ALA B 84 5.28 24.79 -14.50
C ALA B 84 6.73 25.23 -14.69
N PHE B 85 7.22 25.30 -15.92
CA PHE B 85 8.63 25.67 -16.18
C PHE B 85 8.66 27.16 -16.51
N PRO B 86 9.78 27.87 -16.28
CA PRO B 86 11.06 27.25 -15.91
C PRO B 86 11.25 26.70 -14.49
N GLU B 87 10.38 27.03 -13.53
CA GLU B 87 10.65 26.77 -12.08
C GLU B 87 10.57 25.24 -11.83
N GLY B 88 9.63 24.56 -12.45
CA GLY B 88 9.59 23.08 -12.43
C GLY B 88 8.41 22.54 -11.66
N TYR B 89 8.47 21.25 -11.35
CA TYR B 89 7.39 20.55 -10.60
C TYR B 89 7.96 19.28 -9.97
N SER B 90 7.15 18.67 -9.13
CA SER B 90 7.53 17.41 -8.46
C SER B 90 6.31 16.49 -8.52
N TRP B 91 6.53 15.17 -8.48
CA TRP B 91 5.39 14.25 -8.33
C TRP B 91 5.68 13.28 -7.19
N GLU B 92 4.62 12.73 -6.62
CA GLU B 92 4.70 11.66 -5.60
C GLU B 92 3.74 10.54 -6.00
N ARG B 93 4.18 9.30 -5.91
CA ARG B 93 3.44 8.18 -6.53
C ARG B 93 3.43 6.98 -5.59
N SER B 94 2.28 6.34 -5.52
CA SER B 94 2.03 5.07 -4.83
C SER B 94 1.62 4.05 -5.89
N MET B 95 2.21 2.85 -5.82
CA MET B 95 2.06 1.71 -6.76
C MET B 95 1.77 0.44 -5.94
N THR B 96 0.52 -0.05 -5.97
CA THR B 96 0.04 -1.22 -5.21
C THR B 96 -0.18 -2.37 -6.20
N TYR B 97 0.62 -3.43 -6.10
CA TYR B 97 0.53 -4.60 -7.03
C TYR B 97 -0.45 -5.64 -6.46
N GLU B 98 -0.97 -6.51 -7.32
CA GLU B 98 -2.03 -7.47 -6.96
C GLU B 98 -1.57 -8.52 -5.94
N ASP B 99 -0.26 -8.76 -5.77
CA ASP B 99 0.30 -9.70 -4.75
C ASP B 99 0.83 -8.95 -3.53
N GLN B 100 0.41 -7.69 -3.31
CA GLN B 100 0.74 -6.81 -2.15
C GLN B 100 2.18 -6.30 -2.16
N GLY B 101 2.95 -6.54 -3.23
CA GLY B 101 4.16 -5.71 -3.48
C GLY B 101 3.73 -4.25 -3.53
N ILE B 102 4.49 -3.35 -2.96
CA ILE B 102 4.13 -1.91 -2.93
C ILE B 102 5.40 -1.10 -3.22
N CYS B 103 5.25 -0.06 -4.01
CA CYS B 103 6.32 0.91 -4.30
C CYS B 103 5.83 2.34 -4.05
N ILE B 104 6.78 3.17 -3.62
CA ILE B 104 6.61 4.63 -3.46
C ILE B 104 7.75 5.29 -4.22
N ALA B 105 7.43 6.26 -5.04
CA ALA B 105 8.47 7.01 -5.79
C ALA B 105 8.12 8.51 -5.76
N THR B 106 9.16 9.35 -5.75
CA THR B 106 9.08 10.82 -5.88
C THR B 106 10.08 11.26 -6.95
N SER B 107 9.81 12.39 -7.59
CA SER B 107 10.71 13.02 -8.57
C SER B 107 10.62 14.53 -8.40
N ASP B 108 11.76 15.19 -8.33
CA ASP B 108 11.88 16.68 -8.39
C ASP B 108 12.45 17.01 -9.77
N ILE B 109 11.69 17.73 -10.58
CA ILE B 109 12.07 18.04 -11.97
C ILE B 109 12.33 19.54 -12.11
N THR B 110 13.55 19.85 -12.54
CA THR B 110 14.00 21.23 -12.78
C THR B 110 14.49 21.32 -14.23
N MET B 111 14.81 22.54 -14.64
CA MET B 111 15.28 22.82 -16.01
C MET B 111 16.40 23.84 -15.96
N GLU B 112 17.43 23.61 -16.78
CA GLU B 112 18.51 24.58 -17.09
C GLU B 112 18.67 24.60 -18.60
N GLY B 113 18.46 25.74 -19.25
CA GLY B 113 18.54 25.85 -20.71
C GLY B 113 17.61 24.86 -21.38
N ASP B 114 18.15 23.99 -22.24
CA ASP B 114 17.36 23.06 -23.07
C ASP B 114 17.36 21.65 -22.45
N CYS B 115 17.52 21.55 -21.12
CA CYS B 115 17.69 20.25 -20.42
C CYS B 115 16.83 20.19 -19.15
N PHE B 116 16.05 19.12 -19.02
CA PHE B 116 15.35 18.75 -17.76
C PHE B 116 16.28 17.92 -16.85
N PHE B 117 16.17 18.17 -15.54
CA PHE B 117 16.93 17.46 -14.49
C PHE B 117 15.92 16.81 -13.52
N TYR B 118 16.02 15.50 -13.34
CA TYR B 118 15.16 14.73 -12.41
C TYR B 118 16.00 14.18 -11.25
N LYS B 119 15.52 14.42 -10.03
CA LYS B 119 16.02 13.74 -8.80
C LYS B 119 14.91 12.77 -8.36
N ILE B 120 15.15 11.47 -8.55
CA ILE B 120 14.12 10.41 -8.35
C ILE B 120 14.50 9.57 -7.13
N ARG B 121 13.52 9.28 -6.27
CA ARG B 121 13.68 8.32 -5.16
C ARG B 121 12.68 7.18 -5.41
N PHE B 122 13.12 5.93 -5.26
CA PHE B 122 12.29 4.74 -5.52
C PHE B 122 12.48 3.74 -4.39
N ASP B 123 11.39 3.38 -3.72
CA ASP B 123 11.43 2.35 -2.64
C ASP B 123 10.32 1.33 -2.91
N GLY B 124 10.65 0.04 -2.88
CA GLY B 124 9.64 -1.01 -3.00
C GLY B 124 9.87 -2.06 -1.95
N THR B 125 8.82 -2.74 -1.53
CA THR B 125 8.96 -3.84 -0.53
C THR B 125 7.81 -4.82 -0.68
N ASN B 126 7.95 -5.95 0.02
CA ASN B 126 6.91 -6.99 0.19
C ASN B 126 6.66 -7.69 -1.15
N PHE B 127 7.64 -7.70 -2.04
CA PHE B 127 7.59 -8.51 -3.27
C PHE B 127 7.91 -9.96 -2.92
N PRO B 128 6.99 -10.90 -3.17
CA PRO B 128 7.20 -12.29 -2.79
C PRO B 128 8.43 -12.84 -3.49
N PRO B 129 9.26 -13.65 -2.80
CA PRO B 129 10.54 -14.09 -3.35
C PRO B 129 10.37 -14.85 -4.67
N ASN B 130 9.28 -15.60 -4.84
CA ASN B 130 9.05 -16.41 -6.07
C ASN B 130 7.98 -15.78 -6.97
N GLY B 131 7.60 -14.51 -6.71
CA GLY B 131 6.66 -13.76 -7.55
C GLY B 131 7.32 -13.24 -8.83
N PRO B 132 6.55 -12.64 -9.77
CA PRO B 132 7.10 -12.22 -11.07
C PRO B 132 8.14 -11.10 -11.02
N VAL B 133 8.16 -10.29 -9.96
CA VAL B 133 9.17 -9.18 -9.87
C VAL B 133 10.53 -9.75 -9.49
N MET B 134 10.59 -10.56 -8.44
CA MET B 134 11.87 -11.07 -7.90
C MET B 134 12.36 -12.23 -8.79
N GLN B 135 11.49 -12.88 -9.55
CA GLN B 135 11.91 -13.94 -10.53
C GLN B 135 12.06 -13.36 -11.94
N LYS B 136 11.89 -12.05 -12.12
CA LYS B 136 12.05 -11.35 -13.42
C LYS B 136 11.26 -12.07 -14.53
N LYS B 137 9.94 -12.24 -14.34
CA LYS B 137 9.05 -12.89 -15.34
C LYS B 137 8.24 -11.83 -16.12
N THR B 138 8.53 -10.54 -15.94
CA THR B 138 7.77 -9.45 -16.61
C THR B 138 8.35 -9.21 -18.01
N LEU B 139 7.49 -8.87 -18.96
CA LEU B 139 7.87 -8.66 -20.39
C LEU B 139 7.72 -7.19 -20.73
N LYS B 140 6.64 -6.54 -20.30
CA LYS B 140 6.41 -5.13 -20.70
C LYS B 140 5.17 -4.62 -19.99
N TRP B 141 5.04 -3.31 -19.89
CA TRP B 141 3.76 -2.69 -19.48
C TRP B 141 2.81 -2.67 -20.68
N GLU B 142 1.54 -2.92 -20.41
CA GLU B 142 0.48 -2.80 -21.42
C GLU B 142 0.20 -1.31 -21.55
N PRO B 143 -0.24 -0.82 -22.73
CA PRO B 143 -0.63 0.58 -22.86
C PRO B 143 -1.71 0.89 -21.82
N SER B 144 -1.73 2.13 -21.31
CA SER B 144 -2.62 2.53 -20.21
C SER B 144 -3.29 3.87 -20.52
N THR B 145 -4.27 4.25 -19.71
CA THR B 145 -4.98 5.55 -19.79
C THR B 145 -5.08 6.12 -18.38
N GLU B 146 -4.39 7.21 -18.12
CA GLU B 146 -4.35 7.86 -16.80
C GLU B 146 -5.45 8.91 -16.75
N LYS B 147 -6.25 8.91 -15.68
CA LYS B 147 -7.30 9.92 -15.40
C LYS B 147 -6.65 11.07 -14.63
N MET B 148 -6.55 12.26 -15.25
CA MET B 148 -6.04 13.49 -14.58
C MET B 148 -7.24 14.30 -14.07
N TYR B 149 -7.21 14.63 -12.79
CA TYR B 149 -8.33 15.35 -12.12
C TYR B 149 -7.70 16.20 -11.03
N VAL B 150 -8.39 17.27 -10.68
CA VAL B 150 -7.91 18.26 -9.68
C VAL B 150 -8.63 18.02 -8.36
N ARG B 151 -7.88 17.97 -7.27
CA ARG B 151 -8.37 17.93 -5.86
C ARG B 151 -7.44 18.80 -5.02
N ASP B 152 -8.01 19.58 -4.09
CA ASP B 152 -7.27 20.44 -3.14
C ASP B 152 -6.27 21.31 -3.92
N GLY B 153 -6.71 21.87 -5.05
CA GLY B 153 -5.92 22.79 -5.88
C GLY B 153 -4.65 22.17 -6.45
N VAL B 154 -4.48 20.84 -6.35
CA VAL B 154 -3.32 20.10 -6.98
C VAL B 154 -3.86 19.15 -8.04
N LEU B 155 -2.99 18.74 -8.96
CA LEU B 155 -3.36 17.77 -10.01
C LEU B 155 -3.10 16.35 -9.52
N LYS B 156 -4.04 15.46 -9.77
CA LYS B 156 -3.93 14.04 -9.40
C LYS B 156 -4.04 13.25 -10.68
N GLY B 157 -3.36 12.11 -10.71
CA GLY B 157 -3.40 11.15 -11.83
C GLY B 157 -3.58 9.75 -11.29
N ASP B 158 -4.62 9.07 -11.70
CA ASP B 158 -4.83 7.65 -11.31
C ASP B 158 -4.81 6.80 -12.59
N VAL B 159 -4.15 5.63 -12.54
CA VAL B 159 -4.06 4.73 -13.72
C VAL B 159 -4.00 3.27 -13.26
N ASN B 160 -4.84 2.45 -13.90
CA ASN B 160 -4.85 0.97 -13.87
C ASN B 160 -3.75 0.47 -14.81
N MET B 161 -2.77 -0.22 -14.26
CA MET B 161 -1.54 -0.66 -14.99
C MET B 161 -1.48 -2.17 -14.95
N ALA B 162 -0.85 -2.80 -15.93
CA ALA B 162 -0.61 -4.25 -15.90
C ALA B 162 0.66 -4.59 -16.68
N LEU B 163 1.46 -5.47 -16.09
CA LEU B 163 2.63 -6.07 -16.77
C LEU B 163 2.21 -7.38 -17.40
N LEU B 164 2.52 -7.53 -18.68
CA LEU B 164 2.47 -8.85 -19.36
C LEU B 164 3.60 -9.71 -18.77
N LEU B 165 3.30 -10.97 -18.47
CA LEU B 165 4.26 -11.95 -17.93
C LEU B 165 4.58 -12.98 -19.02
N GLU B 166 5.72 -13.65 -18.89
CA GLU B 166 5.98 -14.91 -19.63
C GLU B 166 4.83 -15.87 -19.34
N GLY B 167 4.31 -16.56 -20.37
CA GLY B 167 3.12 -17.44 -20.25
C GLY B 167 1.82 -16.77 -20.67
N GLY B 168 1.82 -15.45 -20.85
CA GLY B 168 0.65 -14.69 -21.34
C GLY B 168 -0.22 -14.09 -20.24
N GLY B 169 0.01 -14.42 -18.95
CA GLY B 169 -0.76 -13.83 -17.84
C GLY B 169 -0.40 -12.37 -17.63
N HIS B 170 -1.11 -11.70 -16.73
CA HIS B 170 -0.78 -10.29 -16.39
C HIS B 170 -0.57 -10.16 -14.89
N TYR B 171 0.09 -9.05 -14.53
CA TYR B 171 0.42 -8.67 -13.15
C TYR B 171 0.01 -7.20 -12.98
N ARG B 172 -1.03 -6.97 -12.20
CA ARG B 172 -1.73 -5.66 -12.20
C ARG B 172 -1.19 -4.77 -11.08
N CYS B 173 -1.35 -3.48 -11.28
CA CYS B 173 -0.86 -2.47 -10.33
C CYS B 173 -1.80 -1.27 -10.40
N ASP B 174 -2.05 -0.67 -9.25
CA ASP B 174 -2.85 0.56 -9.10
C ASP B 174 -1.86 1.70 -8.81
N PHE B 175 -1.75 2.67 -9.73
CA PHE B 175 -0.86 3.87 -9.61
C PHE B 175 -1.72 5.06 -9.17
N LYS B 176 -1.26 5.78 -8.14
CA LYS B 176 -1.91 7.04 -7.68
C LYS B 176 -0.80 8.09 -7.60
N THR B 177 -0.90 9.18 -8.36
CA THR B 177 0.17 10.21 -8.44
C THR B 177 -0.40 11.56 -8.00
N THR B 178 0.39 12.33 -7.27
CA THR B 178 0.16 13.76 -7.00
C THR B 178 1.23 14.55 -7.77
N TYR B 179 0.81 15.48 -8.64
CA TYR B 179 1.69 16.42 -9.37
C TYR B 179 1.55 17.83 -8.75
N LYS B 180 2.66 18.49 -8.43
CA LYS B 180 2.66 19.84 -7.81
C LYS B 180 3.64 20.77 -8.54
N ALA B 181 3.12 21.79 -9.25
CA ALA B 181 3.96 22.87 -9.84
C ALA B 181 4.60 23.72 -8.73
N LYS B 182 5.85 24.15 -8.90
CA LYS B 182 6.58 25.00 -7.91
C LYS B 182 5.91 26.37 -7.75
N LYS B 183 5.21 26.86 -8.78
CA LYS B 183 4.41 28.12 -8.72
C LYS B 183 2.98 27.79 -9.15
N ASP B 184 2.06 28.75 -9.10
CA ASP B 184 0.66 28.50 -9.51
C ASP B 184 0.57 28.65 -11.02
N VAL B 185 -0.27 27.81 -11.63
CA VAL B 185 -0.47 27.73 -13.10
C VAL B 185 -1.98 27.57 -13.29
N ARG B 186 -2.48 27.83 -14.49
CA ARG B 186 -3.87 27.48 -14.87
C ARG B 186 -4.07 25.98 -14.64
N LEU B 187 -4.88 25.63 -13.64
CA LEU B 187 -5.29 24.22 -13.37
C LEU B 187 -6.18 23.77 -14.51
N PRO B 188 -5.98 22.54 -15.03
CA PRO B 188 -6.80 22.00 -16.12
C PRO B 188 -8.12 21.40 -15.62
N ASP B 189 -9.07 21.22 -16.53
CA ASP B 189 -10.30 20.43 -16.29
C ASP B 189 -9.94 18.94 -16.42
N ALA B 190 -10.77 18.04 -15.88
CA ALA B 190 -10.53 16.59 -15.91
C ALA B 190 -10.22 16.17 -17.34
N HIS B 191 -9.15 15.41 -17.53
CA HIS B 191 -8.74 14.92 -18.86
C HIS B 191 -8.13 13.53 -18.72
N LYS B 192 -7.74 12.92 -19.84
CA LYS B 192 -7.06 11.61 -19.84
C LYS B 192 -5.73 11.70 -20.58
N VAL B 193 -4.76 10.91 -20.14
CA VAL B 193 -3.47 10.77 -20.86
C VAL B 193 -3.30 9.30 -21.24
N ASP B 194 -3.13 9.01 -22.53
CA ASP B 194 -2.81 7.65 -23.03
C ASP B 194 -1.28 7.47 -23.04
N HIS B 195 -0.77 6.34 -22.56
CA HIS B 195 0.68 6.07 -22.46
C HIS B 195 1.04 4.78 -23.17
N ARG B 196 2.22 4.74 -23.76
CA ARG B 196 2.89 3.47 -24.20
C ARG B 196 4.34 3.59 -23.78
N ILE B 197 4.87 2.63 -23.04
CA ILE B 197 6.29 2.69 -22.57
C ILE B 197 6.92 1.35 -22.99
N GLU B 198 8.12 1.39 -23.50
CA GLU B 198 8.77 0.19 -24.09
C GLU B 198 10.27 0.22 -23.80
N ILE B 199 10.83 -0.89 -23.32
CA ILE B 199 12.31 -1.09 -23.33
C ILE B 199 12.68 -1.48 -24.76
N LEU B 200 13.26 -0.54 -25.53
CA LEU B 200 13.71 -0.72 -26.93
C LEU B 200 14.88 -1.72 -26.95
N SER B 201 15.83 -1.58 -26.03
CA SER B 201 17.07 -2.42 -26.00
C SER B 201 17.55 -2.51 -24.56
N HIS B 202 18.28 -3.59 -24.24
CA HIS B 202 18.95 -3.80 -22.94
C HIS B 202 20.07 -4.84 -23.08
N ASP B 203 21.09 -4.75 -22.22
CA ASP B 203 22.11 -5.83 -22.04
C ASP B 203 21.54 -6.88 -21.06
N LYS B 204 22.24 -7.98 -20.84
CA LYS B 204 21.65 -9.20 -20.19
C LYS B 204 21.00 -8.83 -18.86
N ASP B 205 21.69 -8.06 -18.01
CA ASP B 205 21.26 -7.80 -16.60
C ASP B 205 20.67 -6.38 -16.48
N TYR B 206 20.34 -5.74 -17.59
CA TYR B 206 19.67 -4.41 -17.63
C TYR B 206 20.58 -3.35 -16.95
N ASN B 207 21.90 -3.54 -16.98
CA ASN B 207 22.87 -2.47 -16.57
C ASN B 207 22.78 -1.30 -17.56
N LYS B 208 22.42 -1.61 -18.80
CA LYS B 208 22.21 -0.61 -19.87
C LYS B 208 20.83 -0.85 -20.47
N VAL B 209 20.01 0.21 -20.53
CA VAL B 209 18.60 0.13 -20.99
C VAL B 209 18.32 1.36 -21.84
N ARG B 210 17.67 1.15 -22.97
CA ARG B 210 17.08 2.27 -23.73
C ARG B 210 15.56 2.22 -23.61
N LEU B 211 14.96 3.33 -23.21
CA LEU B 211 13.53 3.37 -22.80
C LEU B 211 12.80 4.44 -23.58
N TYR B 212 11.64 4.11 -24.13
CA TYR B 212 10.87 5.01 -25.00
C TYR B 212 9.49 5.18 -24.41
N GLU B 213 8.96 6.38 -24.47
CA GLU B 213 7.57 6.63 -24.01
C GLU B 213 6.87 7.49 -25.06
N HIS B 214 5.59 7.19 -25.32
CA HIS B 214 4.66 8.07 -26.08
C HIS B 214 3.44 8.39 -25.21
N ALA B 215 3.13 9.66 -24.98
CA ALA B 215 1.98 10.10 -24.16
C ALA B 215 1.20 11.21 -24.85
N GLU B 216 -0.13 11.17 -24.80
CA GLU B 216 -1.04 12.14 -25.47
C GLU B 216 -2.26 12.39 -24.59
N ALA B 217 -2.61 13.66 -24.37
CA ALA B 217 -3.77 14.08 -23.56
C ALA B 217 -5.01 14.23 -24.46
N ARG B 218 -6.17 13.83 -23.95
CA ARG B 218 -7.48 13.97 -24.62
C ARG B 218 -8.54 14.09 -23.53
N TYR B 219 -9.63 14.82 -23.79
CA TYR B 219 -10.86 14.80 -22.97
C TYR B 219 -11.52 13.43 -23.18
N SER B 220 -12.14 12.92 -22.12
CA SER B 220 -12.78 11.58 -22.05
C SER B 220 -13.87 11.46 -23.12
N MET B 221 -13.86 10.35 -23.90
CA MET B 221 -14.84 10.05 -24.97
C MET B 221 -16.19 9.70 -24.34
N THR C 1 -25.84 -9.16 14.81
CA THR C 1 -26.06 -9.28 13.33
C THR C 1 -26.05 -7.87 12.70
N GLN C 2 -24.95 -7.14 12.88
CA GLN C 2 -24.79 -5.75 12.37
C GLN C 2 -24.94 -5.74 10.85
N ARG C 3 -25.51 -4.67 10.30
CA ARG C 3 -25.54 -4.44 8.84
C ARG C 3 -25.52 -2.92 8.62
N VAL C 4 -24.94 -2.50 7.51
CA VAL C 4 -25.15 -1.12 6.99
C VAL C 4 -26.25 -1.20 5.94
N GLU C 5 -27.39 -0.56 6.19
CA GLU C 5 -28.45 -0.42 5.17
C GLU C 5 -28.14 0.79 4.28
N GLN C 6 -27.84 0.53 3.01
CA GLN C 6 -27.58 1.58 2.00
C GLN C 6 -28.81 1.72 1.10
N THR C 7 -29.27 2.97 0.94
CA THR C 7 -30.41 3.39 0.07
C THR C 7 -30.02 4.62 -0.73
N PRO C 8 -30.49 4.75 -2.00
CA PRO C 8 -31.27 3.69 -2.64
C PRO C 8 -30.36 2.55 -3.14
N THR C 9 -30.91 1.35 -3.26
CA THR C 9 -30.19 0.16 -3.81
C THR C 9 -29.93 0.38 -5.29
N THR C 10 -30.95 0.78 -6.04
CA THR C 10 -30.80 1.10 -7.47
C THR C 10 -31.56 2.39 -7.74
N THR C 11 -31.06 3.19 -8.67
CA THR C 11 -31.67 4.49 -9.03
C THR C 11 -31.32 4.88 -10.47
N THR C 12 -32.30 5.43 -11.18
CA THR C 12 -32.10 6.08 -12.50
C THR C 12 -32.31 7.58 -12.32
N LYS C 13 -31.38 8.41 -12.80
CA LYS C 13 -31.48 9.89 -12.70
C LYS C 13 -31.17 10.50 -14.05
N GLU C 14 -31.67 11.71 -14.31
CA GLU C 14 -31.40 12.51 -15.51
C GLU C 14 -30.18 13.38 -15.24
N ALA C 15 -29.38 13.68 -16.27
CA ALA C 15 -28.14 14.47 -16.13
C ALA C 15 -28.48 15.83 -15.50
N GLY C 16 -27.54 16.40 -14.75
CA GLY C 16 -27.68 17.71 -14.07
C GLY C 16 -28.47 17.61 -12.77
N GLU C 17 -29.13 16.48 -12.49
CA GLU C 17 -29.94 16.25 -11.27
C GLU C 17 -28.98 15.92 -10.11
N SER C 18 -29.53 15.67 -8.92
CA SER C 18 -28.75 15.42 -7.69
C SER C 18 -29.19 14.10 -7.09
N LEU C 19 -28.28 13.44 -6.38
CA LEU C 19 -28.59 12.18 -5.69
C LEU C 19 -28.00 12.22 -4.29
N THR C 20 -28.79 11.82 -3.30
CA THR C 20 -28.33 11.55 -1.92
C THR C 20 -28.31 10.04 -1.71
N ILE C 21 -27.17 9.53 -1.27
CA ILE C 21 -27.06 8.10 -0.85
C ILE C 21 -26.94 8.09 0.68
N ASN C 22 -27.72 7.26 1.34
CA ASN C 22 -27.76 7.15 2.81
C ASN C 22 -27.27 5.78 3.24
N CYS C 23 -26.44 5.74 4.27
CA CYS C 23 -25.94 4.50 4.89
C CYS C 23 -26.17 4.61 6.39
N VAL C 24 -26.81 3.59 6.96
CA VAL C 24 -27.23 3.56 8.38
C VAL C 24 -26.80 2.22 8.97
N LEU C 25 -26.06 2.27 10.07
CA LEU C 25 -25.68 1.07 10.85
C LEU C 25 -26.89 0.65 11.69
N ARG C 26 -27.46 -0.51 11.37
CA ARG C 26 -28.66 -1.07 12.04
C ARG C 26 -28.23 -2.33 12.80
N ASP C 27 -29.04 -2.72 13.79
CA ASP C 27 -28.93 -3.99 14.58
C ASP C 27 -27.54 -4.11 15.22
N SER C 28 -27.03 -3.01 15.79
CA SER C 28 -25.65 -2.90 16.32
C SER C 28 -25.67 -2.12 17.63
N SER C 29 -24.81 -2.51 18.57
CA SER C 29 -24.49 -1.80 19.82
C SER C 29 -23.16 -1.03 19.63
N CYS C 30 -22.63 -1.02 18.41
CA CYS C 30 -21.39 -0.29 18.07
C CYS C 30 -21.74 1.11 17.54
N ALA C 31 -20.74 1.99 17.52
CA ALA C 31 -20.86 3.38 17.03
C ALA C 31 -19.90 3.55 15.85
N LEU C 32 -20.17 4.57 15.04
CA LEU C 32 -19.43 4.89 13.80
C LEU C 32 -18.20 5.70 14.17
N ASP C 33 -17.05 5.38 13.57
CA ASP C 33 -15.82 6.20 13.71
C ASP C 33 -15.60 6.83 12.33
N SER C 34 -14.52 6.48 11.63
CA SER C 34 -14.20 7.05 10.29
C SER C 34 -15.19 6.52 9.23
N THR C 35 -15.44 7.28 8.18
CA THR C 35 -16.39 6.94 7.10
C THR C 35 -15.71 7.25 5.76
N TYR C 36 -15.94 6.42 4.74
CA TYR C 36 -15.31 6.52 3.40
C TYR C 36 -16.33 6.14 2.32
N TRP C 37 -16.17 6.73 1.12
CA TRP C 37 -17.06 6.47 -0.04
C TRP C 37 -16.21 6.05 -1.25
N TYR C 38 -16.66 5.05 -2.02
CA TYR C 38 -15.96 4.49 -3.21
C TYR C 38 -16.91 4.41 -4.39
N PHE C 39 -16.36 4.58 -5.59
CA PHE C 39 -17.07 4.41 -6.88
C PHE C 39 -16.47 3.23 -7.66
N THR C 40 -17.32 2.31 -8.13
CA THR C 40 -16.91 1.25 -9.08
C THR C 40 -17.67 1.50 -10.39
N LYS C 41 -16.96 1.99 -11.41
CA LYS C 41 -17.45 1.96 -12.82
C LYS C 41 -17.82 0.51 -13.12
N LYS C 42 -18.77 0.28 -14.02
CA LYS C 42 -19.19 -1.09 -14.43
C LYS C 42 -17.94 -1.98 -14.61
N GLY C 43 -17.92 -3.14 -13.94
CA GLY C 43 -16.80 -4.08 -13.95
C GLY C 43 -15.80 -3.77 -12.84
N ALA C 44 -15.05 -2.67 -13.01
CA ALA C 44 -13.87 -2.30 -12.20
C ALA C 44 -14.09 -2.60 -10.70
N THR C 45 -13.20 -3.40 -10.12
CA THR C 45 -13.01 -3.58 -8.65
C THR C 45 -12.05 -2.52 -8.15
N LYS C 46 -11.35 -1.83 -9.07
CA LYS C 46 -10.53 -0.64 -8.68
C LYS C 46 -11.48 0.41 -8.08
N LYS C 47 -11.15 0.90 -6.88
CA LYS C 47 -12.03 1.79 -6.08
C LYS C 47 -11.50 3.22 -6.17
N GLU C 48 -12.32 4.13 -6.67
CA GLU C 48 -11.98 5.57 -6.76
C GLU C 48 -12.49 6.24 -5.46
N SER C 49 -11.59 6.75 -4.63
CA SER C 49 -11.93 7.33 -3.30
C SER C 49 -12.53 8.72 -3.52
N LEU C 50 -13.80 8.89 -3.14
CA LEU C 50 -14.53 10.17 -3.31
C LEU C 50 -14.27 11.01 -2.06
N SER C 51 -13.52 12.10 -2.22
CA SER C 51 -13.17 13.03 -1.12
C SER C 51 -14.29 14.08 -0.99
N ASN C 52 -14.54 14.57 0.23
CA ASN C 52 -15.54 15.65 0.41
C ASN C 52 -15.03 16.86 -0.36
N GLY C 53 -15.87 17.42 -1.25
CA GLY C 53 -15.52 18.60 -2.08
C GLY C 53 -16.06 18.46 -3.49
N GLY C 54 -16.00 19.55 -4.26
CA GLY C 54 -16.52 19.59 -5.65
C GLY C 54 -17.99 19.23 -5.67
N ARG C 55 -18.36 18.22 -6.47
CA ARG C 55 -19.77 17.76 -6.61
C ARG C 55 -20.12 16.72 -5.55
N TYR C 56 -19.20 16.43 -4.63
CA TYR C 56 -19.41 15.39 -3.57
C TYR C 56 -19.46 16.08 -2.21
N ALA C 57 -20.60 15.99 -1.53
CA ALA C 57 -20.80 16.51 -0.17
C ALA C 57 -21.04 15.32 0.76
N GLU C 58 -20.11 15.10 1.68
CA GLU C 58 -20.08 13.94 2.60
C GLU C 58 -20.40 14.44 4.00
N THR C 59 -21.47 13.93 4.58
CA THR C 59 -21.96 14.28 5.93
C THR C 59 -22.08 13.00 6.77
N VAL C 60 -21.94 13.18 8.08
CA VAL C 60 -22.03 12.08 9.09
C VAL C 60 -23.00 12.54 10.18
N ASN C 61 -23.89 11.65 10.61
CA ASN C 61 -24.78 11.87 11.78
C ASN C 61 -24.47 10.78 12.82
N LYS C 62 -23.56 11.05 13.74
CA LYS C 62 -23.04 10.02 14.69
C LYS C 62 -24.20 9.51 15.57
N ALA C 63 -25.09 10.38 16.04
CA ALA C 63 -26.18 9.96 16.96
C ALA C 63 -27.08 8.96 16.24
N SER C 64 -27.36 9.16 14.95
CA SER C 64 -28.23 8.27 14.14
C SER C 64 -27.42 7.12 13.53
N LYS C 65 -26.09 7.13 13.64
CA LYS C 65 -25.20 6.06 13.10
C LYS C 65 -25.40 5.99 11.58
N SER C 66 -25.49 7.15 10.97
CA SER C 66 -25.73 7.31 9.52
C SER C 66 -24.68 8.23 8.94
N PHE C 67 -24.44 8.05 7.64
CA PHE C 67 -23.57 8.91 6.84
C PHE C 67 -24.14 8.86 5.44
N SER C 68 -23.88 9.90 4.71
CA SER C 68 -24.57 10.15 3.43
C SER C 68 -23.59 10.83 2.47
N LEU C 69 -23.80 10.58 1.20
CA LEU C 69 -23.06 11.20 0.08
C LEU C 69 -24.09 11.91 -0.79
N ARG C 70 -23.92 13.20 -1.03
CA ARG C 70 -24.81 13.95 -1.97
C ARG C 70 -23.99 14.28 -3.20
N ILE C 71 -24.40 13.78 -4.37
CA ILE C 71 -23.72 14.13 -5.66
C ILE C 71 -24.56 15.15 -6.44
N SER C 72 -23.97 16.29 -6.79
CA SER C 72 -24.64 17.36 -7.57
C SER C 72 -24.29 17.20 -9.06
N ASP C 73 -25.11 17.79 -9.95
CA ASP C 73 -24.78 17.99 -11.38
C ASP C 73 -24.37 16.65 -11.99
N LEU C 74 -25.26 15.66 -11.93
CA LEU C 74 -24.95 14.27 -12.33
C LEU C 74 -24.60 14.21 -13.82
N ARG C 75 -23.63 13.37 -14.18
CA ARG C 75 -23.18 13.15 -15.58
C ARG C 75 -23.47 11.69 -15.94
N VAL C 76 -23.37 11.36 -17.23
CA VAL C 76 -23.51 9.95 -17.69
C VAL C 76 -22.34 9.15 -17.10
N GLU C 77 -21.17 9.77 -17.01
CA GLU C 77 -19.90 9.19 -16.46
C GLU C 77 -20.06 8.78 -14.98
N ASP C 78 -20.96 9.42 -14.24
CA ASP C 78 -21.23 9.10 -12.81
C ASP C 78 -21.92 7.74 -12.70
N SER C 79 -22.30 7.14 -13.83
CA SER C 79 -23.03 5.85 -13.86
C SER C 79 -22.13 4.78 -13.24
N GLY C 80 -22.71 3.87 -12.46
CA GLY C 80 -21.95 2.80 -11.80
C GLY C 80 -22.39 2.59 -10.35
N THR C 81 -21.55 1.93 -9.57
CA THR C 81 -21.87 1.50 -8.18
C THR C 81 -21.15 2.40 -7.18
N TYR C 82 -21.87 2.85 -6.15
CA TYR C 82 -21.35 3.69 -5.04
C TYR C 82 -21.33 2.83 -3.78
N HIS C 83 -20.22 2.82 -3.05
CA HIS C 83 -20.07 2.00 -1.82
C HIS C 83 -19.72 2.91 -0.64
N CYS C 84 -20.29 2.62 0.51
CA CYS C 84 -19.94 3.30 1.78
C CYS C 84 -19.23 2.31 2.70
N LYS C 85 -18.22 2.79 3.41
CA LYS C 85 -17.43 2.00 4.39
C LYS C 85 -17.27 2.81 5.68
N ALA C 86 -17.48 2.16 6.81
CA ALA C 86 -17.30 2.76 8.14
C ALA C 86 -16.41 1.85 8.99
N TYR C 87 -15.55 2.45 9.81
CA TYR C 87 -14.88 1.79 10.96
C TYR C 87 -15.71 2.05 12.22
N TYR C 88 -15.44 1.30 13.27
CA TYR C 88 -16.20 1.30 14.54
C TYR C 88 -15.44 2.08 15.60
N SER C 89 -16.12 2.88 16.42
CA SER C 89 -15.52 3.51 17.61
C SER C 89 -14.97 2.40 18.53
N TRP C 90 -13.79 2.63 19.07
CA TRP C 90 -13.17 1.78 20.11
C TRP C 90 -14.02 1.80 21.37
N ASP C 91 -14.54 0.65 21.80
CA ASP C 91 -15.16 0.51 23.14
C ASP C 91 -15.20 -0.97 23.52
N ALA C 92 -15.32 -1.21 24.83
CA ALA C 92 -15.26 -2.56 25.44
C ALA C 92 -16.32 -3.46 24.78
N ASN C 93 -17.50 -2.91 24.49
CA ASN C 93 -18.65 -3.66 23.92
C ASN C 93 -18.34 -4.21 22.52
N CYS C 94 -17.52 -3.53 21.73
CA CYS C 94 -17.25 -3.87 20.30
C CYS C 94 -15.74 -4.03 20.12
N TRP C 95 -15.05 -4.46 21.17
CA TRP C 95 -13.56 -4.44 21.22
C TRP C 95 -12.94 -5.22 20.04
N ASN C 96 -13.46 -6.38 19.64
CA ASN C 96 -12.80 -7.17 18.55
C ASN C 96 -13.11 -6.58 17.16
N LEU C 97 -13.95 -5.55 17.04
CA LEU C 97 -14.17 -4.87 15.74
C LEU C 97 -13.31 -3.60 15.62
N ARG C 98 -12.39 -3.33 16.55
CA ARG C 98 -11.76 -1.99 16.64
C ARG C 98 -10.86 -1.72 15.42
N TYR C 99 -10.49 -2.75 14.64
CA TYR C 99 -9.65 -2.58 13.43
C TYR C 99 -10.45 -2.88 12.18
N SER C 100 -11.72 -3.24 12.32
CA SER C 100 -12.57 -3.76 11.21
C SER C 100 -13.42 -2.64 10.64
N TYR C 101 -13.87 -2.84 9.42
CA TYR C 101 -14.86 -1.95 8.78
C TYR C 101 -16.07 -2.78 8.36
N ILE C 102 -17.13 -2.08 7.97
CA ILE C 102 -18.40 -2.63 7.45
C ILE C 102 -18.83 -1.76 6.26
N GLU C 103 -19.36 -2.38 5.20
CA GLU C 103 -19.76 -1.67 3.96
C GLU C 103 -21.26 -1.87 3.75
N GLY C 104 -21.89 -0.93 3.06
CA GLY C 104 -23.27 -1.08 2.56
C GLY C 104 -23.34 -2.05 1.38
N GLY C 105 -24.55 -2.49 1.03
CA GLY C 105 -24.85 -3.34 -0.13
C GLY C 105 -24.60 -2.62 -1.45
N GLY C 106 -24.39 -1.30 -1.42
CA GLY C 106 -24.02 -0.52 -2.60
C GLY C 106 -25.23 0.07 -3.30
N THR C 107 -25.02 1.13 -4.07
CA THR C 107 -26.07 1.80 -4.87
C THR C 107 -25.71 1.71 -6.36
N ILE C 108 -26.53 1.06 -7.18
CA ILE C 108 -26.25 1.07 -8.65
C ILE C 108 -26.98 2.24 -9.30
N LEU C 109 -26.22 3.17 -9.86
CA LEU C 109 -26.74 4.44 -10.40
C LEU C 109 -26.58 4.47 -11.92
N THR C 110 -27.70 4.70 -12.58
CA THR C 110 -27.78 4.95 -14.04
C THR C 110 -28.13 6.41 -14.23
N VAL C 111 -27.31 7.15 -14.95
CA VAL C 111 -27.64 8.55 -15.31
C VAL C 111 -28.02 8.61 -16.80
N LYS C 112 -29.31 8.74 -17.09
CA LYS C 112 -29.88 8.86 -18.44
C LYS C 112 -29.30 10.09 -19.12
N PRO C 113 -29.00 10.07 -20.44
CA PRO C 113 -28.37 11.21 -21.08
C PRO C 113 -29.43 12.30 -21.31
N SER C 114 -29.05 13.57 -21.09
CA SER C 114 -29.89 14.75 -21.42
C SER C 114 -29.03 15.74 -22.20
N ARG C 115 -29.42 16.01 -23.45
CA ARG C 115 -28.75 16.95 -24.38
C ARG C 115 -27.30 16.49 -24.62
N THR D 1 -25.67 -13.00 -12.56
CA THR D 1 -24.63 -12.96 -13.65
C THR D 1 -23.38 -13.70 -13.12
N GLN D 2 -22.19 -13.42 -13.67
CA GLN D 2 -20.95 -14.15 -13.30
C GLN D 2 -20.76 -14.12 -11.78
N ARG D 3 -20.31 -15.23 -11.23
CA ARG D 3 -20.10 -15.40 -9.77
C ARG D 3 -19.11 -16.54 -9.64
N VAL D 4 -18.33 -16.48 -8.56
CA VAL D 4 -17.49 -17.63 -8.13
C VAL D 4 -18.33 -18.38 -7.11
N GLU D 5 -18.55 -19.65 -7.33
CA GLU D 5 -19.30 -20.49 -6.37
C GLU D 5 -18.27 -21.11 -5.42
N GLN D 6 -18.26 -20.63 -4.17
CA GLN D 6 -17.36 -21.14 -3.12
C GLN D 6 -18.10 -22.08 -2.17
N THR D 7 -17.65 -23.33 -2.06
CA THR D 7 -18.28 -24.35 -1.17
C THR D 7 -17.19 -25.05 -0.36
N PRO D 8 -17.45 -25.47 0.90
CA PRO D 8 -18.72 -25.20 1.59
C PRO D 8 -18.83 -23.73 2.03
N THR D 9 -20.05 -23.24 2.24
CA THR D 9 -20.36 -21.88 2.74
C THR D 9 -20.03 -21.83 4.25
N THR D 10 -20.45 -22.85 5.01
CA THR D 10 -20.18 -22.99 6.47
C THR D 10 -19.85 -24.46 6.74
N THR D 11 -18.89 -24.69 7.65
CA THR D 11 -18.38 -26.05 7.92
C THR D 11 -17.85 -26.07 9.36
N THR D 12 -18.23 -27.11 10.11
CA THR D 12 -17.64 -27.44 11.42
C THR D 12 -16.83 -28.72 11.22
N LYS D 13 -15.56 -28.70 11.63
CA LYS D 13 -14.63 -29.85 11.55
C LYS D 13 -14.01 -30.05 12.94
N GLU D 14 -13.43 -31.21 13.20
CA GLU D 14 -12.67 -31.46 14.47
C GLU D 14 -11.17 -31.35 14.15
N ALA D 15 -10.39 -30.89 15.13
CA ALA D 15 -8.91 -30.77 15.08
C ALA D 15 -8.32 -32.08 14.55
N GLY D 16 -7.35 -31.97 13.64
CA GLY D 16 -6.68 -33.12 13.00
C GLY D 16 -7.26 -33.42 11.62
N GLU D 17 -8.55 -33.17 11.43
CA GLU D 17 -9.28 -33.43 10.14
C GLU D 17 -8.73 -32.52 9.02
N SER D 18 -9.25 -32.68 7.80
CA SER D 18 -8.84 -31.89 6.60
C SER D 18 -10.06 -31.16 6.03
N LEU D 19 -9.85 -30.01 5.38
CA LEU D 19 -10.90 -29.27 4.65
C LEU D 19 -10.39 -28.96 3.24
N THR D 20 -11.22 -29.25 2.25
CA THR D 20 -11.06 -28.77 0.86
C THR D 20 -12.14 -27.73 0.56
N ILE D 21 -11.70 -26.57 0.07
CA ILE D 21 -12.60 -25.47 -0.40
C ILE D 21 -12.46 -25.40 -1.92
N ASN D 22 -13.59 -25.37 -2.62
CA ASN D 22 -13.62 -25.24 -4.09
C ASN D 22 -14.28 -23.91 -4.46
N CYS D 23 -13.66 -23.24 -5.42
CA CYS D 23 -14.16 -21.99 -6.03
C CYS D 23 -14.26 -22.26 -7.54
N VAL D 24 -15.42 -22.00 -8.11
CA VAL D 24 -15.67 -22.29 -9.55
C VAL D 24 -16.26 -21.03 -10.18
N LEU D 25 -15.66 -20.56 -11.26
CA LEU D 25 -16.22 -19.42 -12.01
C LEU D 25 -17.40 -19.98 -12.83
N ARG D 26 -18.63 -19.52 -12.54
CA ARG D 26 -19.88 -19.95 -13.23
C ARG D 26 -20.50 -18.75 -13.95
N ASP D 27 -21.13 -19.01 -15.09
CA ASP D 27 -21.93 -18.01 -15.85
C ASP D 27 -21.04 -16.88 -16.36
N SER D 28 -19.82 -17.21 -16.79
CA SER D 28 -18.88 -16.24 -17.40
C SER D 28 -18.32 -16.82 -18.70
N SER D 29 -18.05 -15.96 -19.68
CA SER D 29 -17.32 -16.26 -20.93
C SER D 29 -15.82 -15.96 -20.76
N CYS D 30 -15.42 -15.46 -19.58
CA CYS D 30 -14.04 -15.07 -19.22
C CYS D 30 -13.29 -16.25 -18.61
N ALA D 31 -11.96 -16.21 -18.63
CA ALA D 31 -11.10 -17.24 -18.03
C ALA D 31 -10.33 -16.60 -16.87
N LEU D 32 -9.88 -17.43 -15.92
CA LEU D 32 -9.17 -17.01 -14.72
C LEU D 32 -7.70 -16.79 -15.08
N ASP D 33 -7.10 -15.73 -14.53
CA ASP D 33 -5.64 -15.47 -14.66
C ASP D 33 -4.97 -15.84 -13.33
N SER D 34 -4.68 -14.85 -12.48
CA SER D 34 -4.02 -15.04 -11.15
C SER D 34 -5.08 -15.44 -10.12
N THR D 35 -4.72 -16.30 -9.17
CA THR D 35 -5.62 -16.82 -8.11
C THR D 35 -4.95 -16.60 -6.75
N TYR D 36 -5.71 -16.19 -5.75
CA TYR D 36 -5.19 -15.93 -4.38
C TYR D 36 -6.14 -16.50 -3.32
N TRP D 37 -5.58 -16.86 -2.17
CA TRP D 37 -6.32 -17.40 -1.00
C TRP D 37 -5.95 -16.54 0.22
N TYR D 38 -6.92 -16.15 1.04
CA TYR D 38 -6.66 -15.38 2.28
C TYR D 38 -7.69 -15.74 3.38
N PHE D 39 -7.29 -15.43 4.60
CA PHE D 39 -7.96 -15.77 5.87
C PHE D 39 -8.31 -14.48 6.62
N THR D 40 -9.50 -14.40 7.18
CA THR D 40 -9.90 -13.34 8.13
C THR D 40 -10.32 -14.04 9.43
N LYS D 41 -9.70 -13.68 10.56
CA LYS D 41 -10.10 -14.18 11.90
C LYS D 41 -11.49 -13.60 12.19
N LYS D 42 -12.23 -14.19 13.12
CA LYS D 42 -13.63 -13.76 13.39
C LYS D 42 -13.68 -12.25 13.64
N GLY D 43 -14.64 -11.54 13.01
CA GLY D 43 -14.90 -10.10 13.23
C GLY D 43 -13.89 -9.19 12.55
N ALA D 44 -12.79 -9.74 12.01
CA ALA D 44 -11.69 -8.98 11.38
C ALA D 44 -11.92 -8.85 9.86
N THR D 45 -11.42 -7.76 9.30
CA THR D 45 -11.46 -7.47 7.85
C THR D 45 -10.01 -7.46 7.32
N LYS D 46 -8.99 -7.45 8.18
CA LYS D 46 -7.57 -7.55 7.73
C LYS D 46 -7.36 -8.95 7.12
N LYS D 47 -6.77 -8.99 5.92
CA LYS D 47 -6.62 -10.20 5.08
C LYS D 47 -5.24 -10.82 5.32
N GLU D 48 -5.19 -12.07 5.75
CA GLU D 48 -3.92 -12.82 5.94
C GLU D 48 -3.70 -13.70 4.73
N SER D 49 -2.69 -13.38 3.95
CA SER D 49 -2.36 -14.06 2.66
C SER D 49 -1.95 -15.51 2.97
N LEU D 50 -2.60 -16.51 2.34
CA LEU D 50 -2.27 -17.96 2.50
C LEU D 50 -1.55 -18.44 1.26
N SER D 51 -0.23 -18.63 1.34
CA SER D 51 0.60 -19.10 0.20
C SER D 51 0.72 -20.63 0.24
N ASN D 52 0.87 -21.26 -0.94
CA ASN D 52 0.99 -22.73 -1.13
C ASN D 52 2.18 -23.23 -0.31
N GLY D 53 1.99 -24.28 0.49
CA GLY D 53 3.07 -24.95 1.25
C GLY D 53 2.61 -25.43 2.62
N GLY D 54 3.34 -26.38 3.19
CA GLY D 54 3.06 -27.00 4.49
C GLY D 54 1.67 -27.59 4.50
N ARG D 55 0.78 -27.04 5.32
CA ARG D 55 -0.62 -27.53 5.55
C ARG D 55 -1.55 -27.01 4.44
N TYR D 56 -1.09 -26.05 3.63
CA TYR D 56 -1.88 -25.31 2.59
C TYR D 56 -1.52 -25.81 1.19
N ALA D 57 -2.45 -26.51 0.53
CA ALA D 57 -2.31 -27.05 -0.85
C ALA D 57 -3.27 -26.35 -1.82
N GLU D 58 -2.74 -25.42 -2.60
CA GLU D 58 -3.49 -24.58 -3.58
C GLU D 58 -3.27 -25.13 -5.00
N THR D 59 -4.38 -25.47 -5.66
CA THR D 59 -4.40 -26.01 -7.03
C THR D 59 -5.34 -25.16 -7.89
N VAL D 60 -5.19 -25.29 -9.20
CA VAL D 60 -5.91 -24.52 -10.25
C VAL D 60 -6.23 -25.50 -11.39
N ASN D 61 -7.48 -25.48 -11.89
CA ASN D 61 -7.98 -26.29 -13.03
C ASN D 61 -8.57 -25.32 -14.06
N LYS D 62 -7.77 -24.88 -15.03
CA LYS D 62 -8.17 -23.87 -16.04
C LYS D 62 -9.37 -24.42 -16.83
N ALA D 63 -9.30 -25.68 -17.26
CA ALA D 63 -10.35 -26.38 -18.04
C ALA D 63 -11.73 -26.13 -17.40
N SER D 64 -11.91 -26.47 -16.12
CA SER D 64 -13.18 -26.32 -15.38
C SER D 64 -13.27 -24.97 -14.65
N LYS D 65 -12.31 -24.05 -14.88
CA LYS D 65 -12.38 -22.64 -14.41
C LYS D 65 -12.56 -22.64 -12.90
N SER D 66 -11.79 -23.50 -12.24
CA SER D 66 -11.95 -23.76 -10.79
C SER D 66 -10.56 -23.68 -10.16
N PHE D 67 -10.55 -23.39 -8.87
CA PHE D 67 -9.33 -23.39 -8.02
C PHE D 67 -9.81 -23.81 -6.64
N SER D 68 -8.90 -24.40 -5.89
CA SER D 68 -9.25 -25.11 -4.65
C SER D 68 -8.11 -24.93 -3.64
N LEU D 69 -8.48 -24.85 -2.37
CA LEU D 69 -7.50 -24.88 -1.25
C LEU D 69 -7.81 -26.09 -0.37
N ARG D 70 -6.78 -26.86 -0.01
CA ARG D 70 -6.90 -27.99 0.96
C ARG D 70 -6.01 -27.70 2.16
N ILE D 71 -6.61 -27.76 3.35
CA ILE D 71 -5.87 -27.57 4.64
C ILE D 71 -5.86 -28.91 5.37
N SER D 72 -4.64 -29.38 5.70
CA SER D 72 -4.41 -30.64 6.46
C SER D 72 -4.22 -30.32 7.94
N ASP D 73 -4.48 -31.30 8.82
CA ASP D 73 -4.31 -31.22 10.30
C ASP D 73 -4.81 -29.87 10.81
N LEU D 74 -6.12 -29.62 10.62
CA LEU D 74 -6.82 -28.40 11.09
C LEU D 74 -6.63 -28.26 12.60
N ARG D 75 -6.34 -27.04 13.06
CA ARG D 75 -6.28 -26.67 14.49
C ARG D 75 -7.41 -25.71 14.81
N VAL D 76 -7.66 -25.48 16.10
CA VAL D 76 -8.73 -24.56 16.59
C VAL D 76 -8.48 -23.15 16.04
N GLU D 77 -7.21 -22.70 16.00
CA GLU D 77 -6.76 -21.36 15.50
C GLU D 77 -7.09 -21.15 14.01
N ASP D 78 -7.32 -22.20 13.24
CA ASP D 78 -7.69 -22.12 11.80
C ASP D 78 -9.17 -21.69 11.68
N SER D 79 -9.89 -21.60 12.80
CA SER D 79 -11.28 -21.12 12.86
C SER D 79 -11.33 -19.70 12.30
N GLY D 80 -12.26 -19.45 11.38
CA GLY D 80 -12.49 -18.13 10.76
C GLY D 80 -13.05 -18.28 9.37
N THR D 81 -12.78 -17.30 8.50
CA THR D 81 -13.35 -17.23 7.14
C THR D 81 -12.23 -17.30 6.13
N TYR D 82 -12.41 -18.15 5.13
CA TYR D 82 -11.42 -18.33 4.03
C TYR D 82 -12.03 -17.74 2.78
N HIS D 83 -11.21 -16.95 2.08
CA HIS D 83 -11.64 -16.20 0.87
C HIS D 83 -10.76 -16.62 -0.30
N CYS D 84 -11.37 -16.80 -1.47
CA CYS D 84 -10.66 -17.10 -2.74
C CYS D 84 -10.85 -15.89 -3.63
N LYS D 85 -9.83 -15.55 -4.40
CA LYS D 85 -9.85 -14.32 -5.22
C LYS D 85 -9.16 -14.62 -6.55
N ALA D 86 -9.79 -14.23 -7.66
CA ALA D 86 -9.27 -14.52 -9.00
C ALA D 86 -9.33 -13.28 -9.88
N TYR D 87 -8.32 -13.10 -10.70
CA TYR D 87 -8.31 -12.06 -11.76
C TYR D 87 -8.64 -12.76 -13.09
N TYR D 88 -8.99 -11.98 -14.08
CA TYR D 88 -9.43 -12.46 -15.41
C TYR D 88 -8.31 -12.35 -16.42
N SER D 89 -8.18 -13.39 -17.26
CA SER D 89 -7.31 -13.39 -18.45
C SER D 89 -7.70 -12.22 -19.35
N TRP D 90 -6.71 -11.52 -19.88
CA TRP D 90 -6.89 -10.40 -20.84
C TRP D 90 -7.49 -10.95 -22.14
N ASP D 91 -8.65 -10.45 -22.50
CA ASP D 91 -9.48 -10.99 -23.60
C ASP D 91 -10.23 -9.83 -24.21
N ALA D 92 -10.18 -9.69 -25.54
CA ALA D 92 -10.99 -8.70 -26.30
C ALA D 92 -12.45 -8.77 -25.86
N ASN D 93 -12.98 -9.96 -25.58
CA ASN D 93 -14.44 -10.14 -25.27
C ASN D 93 -14.73 -9.92 -23.78
N CYS D 94 -13.71 -9.78 -22.91
CA CYS D 94 -13.82 -9.46 -21.46
C CYS D 94 -12.98 -8.22 -21.11
N TRP D 95 -12.83 -7.25 -22.03
CA TRP D 95 -11.80 -6.17 -21.98
C TRP D 95 -12.01 -5.32 -20.73
N ASN D 96 -13.27 -5.09 -20.36
CA ASN D 96 -13.68 -4.22 -19.23
C ASN D 96 -13.24 -4.83 -17.91
N LEU D 97 -12.96 -6.13 -17.87
CA LEU D 97 -12.67 -6.87 -16.61
C LEU D 97 -11.18 -7.10 -16.41
N ARG D 98 -10.35 -6.51 -17.26
CA ARG D 98 -8.93 -6.92 -17.34
C ARG D 98 -8.14 -6.43 -16.12
N TYR D 99 -8.66 -5.49 -15.32
CA TYR D 99 -8.02 -5.01 -14.06
C TYR D 99 -8.82 -5.46 -12.86
N SER D 100 -9.88 -6.23 -13.05
CA SER D 100 -10.85 -6.52 -11.97
C SER D 100 -10.67 -7.97 -11.46
N TYR D 101 -11.11 -8.20 -10.23
CA TYR D 101 -11.08 -9.56 -9.65
C TYR D 101 -12.49 -9.96 -9.27
N ILE D 102 -12.65 -11.21 -8.85
CA ILE D 102 -13.96 -11.73 -8.36
C ILE D 102 -13.66 -12.65 -7.19
N GLU D 103 -14.52 -12.65 -6.17
CA GLU D 103 -14.31 -13.46 -4.94
C GLU D 103 -15.49 -14.41 -4.73
N GLY D 104 -15.24 -15.55 -4.10
CA GLY D 104 -16.28 -16.42 -3.54
C GLY D 104 -17.03 -15.79 -2.37
N GLY D 105 -18.11 -16.43 -1.92
CA GLY D 105 -18.93 -15.92 -0.81
C GLY D 105 -18.19 -16.08 0.50
N GLY D 106 -17.18 -16.95 0.51
CA GLY D 106 -16.39 -17.21 1.71
C GLY D 106 -16.82 -18.50 2.35
N THR D 107 -15.91 -19.07 3.12
CA THR D 107 -16.10 -20.33 3.87
C THR D 107 -15.93 -20.01 5.36
N ILE D 108 -16.97 -20.11 6.17
CA ILE D 108 -16.82 -19.90 7.64
C ILE D 108 -16.52 -21.26 8.27
N LEU D 109 -15.26 -21.50 8.61
CA LEU D 109 -14.81 -22.76 9.26
C LEU D 109 -14.77 -22.58 10.79
N THR D 110 -15.45 -23.50 11.49
CA THR D 110 -15.30 -23.67 12.97
C THR D 110 -14.59 -25.00 13.19
N VAL D 111 -13.43 -24.97 13.86
CA VAL D 111 -12.68 -26.20 14.24
C VAL D 111 -12.81 -26.43 15.75
N LYS D 112 -13.38 -27.57 16.12
CA LYS D 112 -13.61 -28.04 17.53
C LYS D 112 -12.40 -28.85 18.00
N PRO D 113 -12.03 -28.79 19.30
CA PRO D 113 -10.96 -29.63 19.83
C PRO D 113 -11.31 -31.12 19.71
N SER D 114 -10.33 -31.98 19.47
CA SER D 114 -10.45 -33.48 19.46
C SER D 114 -10.25 -34.05 20.87
#